data_4PTS
#
_entry.id   4PTS
#
_cell.length_a   52.870
_cell.length_b   75.475
_cell.length_c   193.710
_cell.angle_alpha   90.00
_cell.angle_beta   90.00
_cell.angle_gamma   90.00
#
_symmetry.space_group_name_H-M   'P 21 21 21'
#
_entity_poly.entity_id   1
_entity_poly.type   'polypeptide(L)'
_entity_poly.pdbx_seq_one_letter_code
;MAPDTHSSDSEQGSYVTTGQEFVRDTKYIETRITADGRDGYPVEPGRYRLIAARACPWANRTLIVRRLLGLENVLSLGLC
GPTHDKNSWTFDLDPGGVDPVLGIPRLKDAYEKRFPGYPKGITVPAVVEIATGEVVTNDFPQITIDFSLEWTAYHRDGAP
QLYPEHLRAEIDEVSKGIYTEVNNGVYRCGFAGSQDAYDAAYDRLFTKLDELSERLAQQRYLVGDTITEADVRLFTTLAR
FDAVYHGHFKCNRSKLSEMPVLWAYARDLFQTPGFGDTTDFTQIKQHYYIVHSDINPTQIVPKGPDLRNWLTPHHREELG
GRPFGDGTPPGPPIAAEVVPAQNWVPTS
;
_entity_poly.pdbx_strand_id   A,B
#
# COMPACT_ATOMS: atom_id res chain seq x y z
N LYS A 27 -12.36 28.46 3.79
CA LYS A 27 -13.12 29.46 4.59
C LYS A 27 -13.76 28.82 5.82
N TYR A 28 -13.38 29.37 6.95
CA TYR A 28 -13.77 28.86 8.22
C TYR A 28 -14.60 29.90 8.95
N ILE A 29 -15.04 29.54 10.14
CA ILE A 29 -15.68 30.46 11.05
C ILE A 29 -14.61 30.91 12.00
N GLU A 30 -14.24 32.18 11.86
CA GLU A 30 -12.99 32.70 12.38
C GLU A 30 -13.17 33.32 13.78
N THR A 31 -14.42 33.39 14.23
CA THR A 31 -14.74 33.83 15.59
C THR A 31 -13.87 33.14 16.62
N ARG A 32 -13.38 33.84 17.63
CA ARG A 32 -12.51 33.19 18.62
C ARG A 32 -13.02 33.20 20.05
N ILE A 33 -12.59 32.16 20.75
CA ILE A 33 -12.81 31.96 22.16
C ILE A 33 -11.52 32.39 22.81
N THR A 34 -11.65 33.39 23.65
CA THR A 34 -10.51 34.16 24.04
C THR A 34 -10.69 34.62 25.52
N ALA A 35 -9.59 34.81 26.25
CA ALA A 35 -9.64 35.19 27.68
C ALA A 35 -10.38 36.50 27.88
N ASP A 36 -9.98 37.53 27.12
CA ASP A 36 -10.66 38.82 27.11
C ASP A 36 -12.09 38.82 26.54
N GLY A 37 -12.49 37.75 25.87
CA GLY A 37 -13.84 37.65 25.34
C GLY A 37 -14.11 38.59 24.19
N ARG A 38 -13.06 38.97 23.47
CA ARG A 38 -13.18 39.99 22.42
C ARG A 38 -14.34 39.77 21.47
N ASP A 39 -14.53 38.54 20.99
CA ASP A 39 -15.56 38.25 19.98
C ASP A 39 -16.92 37.88 20.59
N GLY A 40 -17.04 37.96 21.91
CA GLY A 40 -18.29 37.67 22.62
C GLY A 40 -18.34 36.27 23.20
N TYR A 41 -17.18 35.63 23.26
CA TYR A 41 -17.07 34.24 23.62
C TYR A 41 -15.88 34.08 24.53
N PRO A 42 -16.05 34.40 25.80
CA PRO A 42 -14.95 34.33 26.77
C PRO A 42 -14.69 32.90 27.16
N VAL A 43 -13.45 32.57 27.53
CA VAL A 43 -13.20 31.25 28.03
C VAL A 43 -13.93 31.16 29.35
N GLU A 44 -14.71 30.10 29.54
CA GLU A 44 -15.08 29.62 30.87
C GLU A 44 -15.46 28.16 30.91
N PRO A 45 -15.12 27.51 32.01
CA PRO A 45 -15.31 26.08 32.13
C PRO A 45 -16.79 25.74 32.09
N GLY A 46 -17.10 24.61 31.46
CA GLY A 46 -18.45 24.10 31.38
C GLY A 46 -19.28 24.74 30.30
N ARG A 47 -18.72 25.71 29.59
CA ARG A 47 -19.51 26.51 28.65
C ARG A 47 -19.48 26.00 27.22
N TYR A 48 -18.31 25.54 26.80
CA TYR A 48 -18.10 25.07 25.45
C TYR A 48 -17.86 23.55 25.42
N ARG A 49 -18.00 23.01 24.22
CA ARG A 49 -17.81 21.59 23.99
C ARG A 49 -17.10 21.42 22.66
N LEU A 50 -16.04 20.61 22.70
CA LEU A 50 -15.25 20.38 21.53
C LEU A 50 -15.86 19.21 20.81
N ILE A 51 -16.14 19.38 19.52
CA ILE A 51 -16.53 18.26 18.67
C ILE A 51 -15.42 17.84 17.72
N ALA A 52 -15.08 16.57 17.74
CA ALA A 52 -14.00 16.06 16.94
C ALA A 52 -14.35 14.67 16.39
N ALA A 53 -13.40 14.07 15.67
CA ALA A 53 -13.49 12.69 15.23
C ALA A 53 -12.09 12.09 15.25
N ARG A 54 -12.00 10.83 15.65
CA ARG A 54 -10.72 10.17 15.73
C ARG A 54 -10.06 10.05 14.36
N ALA A 55 -10.89 10.04 13.32
CA ALA A 55 -10.45 9.85 11.93
C ALA A 55 -9.68 11.03 11.34
N CYS A 56 -10.20 12.24 11.55
CA CYS A 56 -9.68 13.41 10.87
C CYS A 56 -8.44 13.93 11.63
N PRO A 57 -7.33 14.14 10.92
CA PRO A 57 -6.09 14.56 11.58
C PRO A 57 -6.08 16.00 12.07
N TRP A 58 -6.90 16.87 11.47
CA TRP A 58 -7.01 18.24 11.98
C TRP A 58 -7.64 18.18 13.35
N ALA A 59 -8.73 17.44 13.46
CA ALA A 59 -9.38 17.24 14.73
C ALA A 59 -8.49 16.52 15.70
N ASN A 60 -7.71 15.59 15.24
CA ASN A 60 -6.86 14.85 16.17
C ASN A 60 -5.81 15.75 16.90
N ARG A 61 -5.42 16.87 16.31
CA ARG A 61 -4.50 17.78 17.01
C ARG A 61 -5.17 18.35 18.26
N THR A 62 -6.35 18.88 18.04
CA THR A 62 -7.22 19.35 19.07
C THR A 62 -7.23 18.39 20.24
N LEU A 63 -7.43 17.12 19.94
CA LEU A 63 -7.53 16.11 20.97
C LEU A 63 -6.27 15.97 21.74
N ILE A 64 -5.15 15.94 21.03
CA ILE A 64 -3.85 15.82 21.68
C ILE A 64 -3.55 17.02 22.57
N VAL A 65 -3.74 18.21 22.03
CA VAL A 65 -3.43 19.44 22.75
C VAL A 65 -4.26 19.54 24.02
N ARG A 66 -5.57 19.39 23.86
CA ARG A 66 -6.49 19.36 25.01
C ARG A 66 -5.98 18.41 26.07
N ARG A 67 -5.51 17.29 25.58
CA ARG A 67 -5.06 16.26 26.45
C ARG A 67 -3.75 16.66 27.16
N LEU A 68 -2.81 17.25 26.43
CA LEU A 68 -1.54 17.69 27.04
C LEU A 68 -1.65 18.79 28.07
N LEU A 69 -2.70 19.60 27.96
CA LEU A 69 -2.84 20.76 28.81
C LEU A 69 -3.84 20.53 29.92
N GLY A 70 -4.41 19.34 29.99
CA GLY A 70 -5.35 18.99 31.04
C GLY A 70 -6.63 19.79 31.01
N LEU A 71 -7.17 20.01 29.82
CA LEU A 71 -8.42 20.73 29.69
C LEU A 71 -9.66 19.83 29.62
N GLU A 72 -9.50 18.57 29.99
CA GLU A 72 -10.60 17.61 29.84
C GLU A 72 -11.79 17.91 30.73
N ASN A 73 -11.50 18.30 31.95
CA ASN A 73 -12.48 18.60 32.98
C ASN A 73 -13.19 19.96 32.77
N VAL A 74 -12.72 20.79 31.84
CA VAL A 74 -13.29 22.12 31.65
C VAL A 74 -13.81 22.39 30.24
N LEU A 75 -13.36 21.59 29.29
CA LEU A 75 -13.90 21.61 27.94
C LEU A 75 -14.38 20.21 27.55
N SER A 76 -15.69 20.07 27.39
CA SER A 76 -16.31 18.78 27.15
C SER A 76 -15.97 18.34 25.73
N LEU A 77 -16.13 17.04 25.49
CA LEU A 77 -15.73 16.41 24.24
C LEU A 77 -16.78 15.48 23.64
N GLY A 78 -17.20 15.75 22.42
CA GLY A 78 -18.01 14.81 21.65
C GLY A 78 -17.21 14.20 20.50
N LEU A 79 -17.51 12.96 20.16
CA LEU A 79 -16.79 12.27 19.10
C LEU A 79 -17.74 11.77 18.01
N CYS A 80 -17.43 12.11 16.78
CA CYS A 80 -18.23 11.59 15.69
C CYS A 80 -17.67 10.28 15.18
N GLY A 81 -18.59 9.51 14.60
CA GLY A 81 -18.26 8.29 13.93
C GLY A 81 -17.57 8.56 12.61
N PRO A 82 -16.80 7.58 12.16
CA PRO A 82 -15.94 7.70 10.98
C PRO A 82 -16.70 7.78 9.68
N THR A 83 -17.93 7.29 9.66
CA THR A 83 -18.66 7.16 8.42
C THR A 83 -19.86 8.08 8.40
N HIS A 84 -20.24 8.54 7.22
CA HIS A 84 -21.35 9.45 7.08
C HIS A 84 -21.71 9.69 5.62
N ASP A 85 -22.89 10.29 5.40
CA ASP A 85 -23.40 10.68 4.07
C ASP A 85 -22.79 11.97 3.57
N LYS A 86 -23.36 12.51 2.50
CA LYS A 86 -23.01 13.83 1.97
C LYS A 86 -23.23 14.97 2.99
N ASN A 87 -23.90 14.72 4.12
CA ASN A 87 -24.09 15.76 5.16
C ASN A 87 -23.08 15.77 6.27
N SER A 88 -21.93 15.14 6.02
CA SER A 88 -20.78 15.11 6.92
C SER A 88 -21.15 14.49 8.29
N TRP A 89 -20.46 14.90 9.33
CA TRP A 89 -20.31 14.09 10.53
C TRP A 89 -21.59 13.87 11.31
N THR A 90 -21.74 12.63 11.78
CA THR A 90 -22.87 12.19 12.57
C THR A 90 -22.36 11.58 13.85
N PHE A 91 -23.28 11.38 14.79
CA PHE A 91 -22.97 10.93 16.15
C PHE A 91 -23.50 9.55 16.34
N ASP A 92 -23.03 8.67 15.47
CA ASP A 92 -23.60 7.35 15.39
C ASP A 92 -22.87 6.31 16.20
N LEU A 93 -21.84 6.70 16.92
CA LEU A 93 -21.23 5.81 17.90
C LEU A 93 -21.92 5.92 19.27
N ASP A 94 -22.93 6.78 19.36
CA ASP A 94 -23.39 7.21 20.67
C ASP A 94 -24.80 6.72 20.92
N PRO A 95 -25.10 6.45 22.21
CA PRO A 95 -26.43 6.01 22.58
C PRO A 95 -27.44 6.92 21.97
N GLY A 96 -28.36 6.36 21.23
CA GLY A 96 -29.47 7.09 20.65
C GLY A 96 -29.17 7.59 19.27
N GLY A 97 -27.91 7.48 18.84
CA GLY A 97 -27.44 8.13 17.62
C GLY A 97 -27.48 9.65 17.71
N VAL A 98 -27.17 10.17 18.90
CA VAL A 98 -27.15 11.60 19.13
C VAL A 98 -26.07 11.96 20.12
N ASP A 99 -25.60 13.18 20.05
CA ASP A 99 -24.60 13.61 20.98
C ASP A 99 -25.12 13.66 22.39
N PRO A 100 -24.40 13.05 23.33
CA PRO A 100 -24.85 13.05 24.70
C PRO A 100 -25.31 14.41 25.18
N VAL A 101 -24.55 15.47 24.96
CA VAL A 101 -24.91 16.74 25.61
C VAL A 101 -25.68 17.67 24.69
N LEU A 102 -25.29 17.73 23.43
CA LEU A 102 -25.96 18.60 22.48
C LEU A 102 -27.26 18.00 22.03
N GLY A 103 -27.37 16.67 22.09
CA GLY A 103 -28.62 16.00 21.71
C GLY A 103 -28.98 16.01 20.22
N ILE A 104 -27.99 16.23 19.36
CA ILE A 104 -28.24 16.32 17.91
C ILE A 104 -27.66 15.09 17.24
N PRO A 105 -28.28 14.67 16.13
CA PRO A 105 -27.87 13.46 15.42
C PRO A 105 -26.67 13.66 14.46
N ARG A 106 -26.54 14.89 13.94
CA ARG A 106 -25.49 15.27 13.02
C ARG A 106 -25.01 16.71 13.27
N LEU A 107 -23.73 16.92 13.08
CA LEU A 107 -23.07 18.18 13.41
C LEU A 107 -23.58 19.32 12.59
N LYS A 108 -24.07 19.04 11.39
CA LYS A 108 -24.65 20.11 10.57
C LYS A 108 -25.70 20.95 11.32
N ASP A 109 -26.49 20.32 12.17
CA ASP A 109 -27.52 21.04 12.94
C ASP A 109 -26.91 22.17 13.76
N ALA A 110 -25.72 21.95 14.30
CA ALA A 110 -25.06 22.93 15.13
C ALA A 110 -24.55 24.13 14.33
N TYR A 111 -24.10 23.87 13.12
CA TYR A 111 -23.79 24.94 12.16
C TYR A 111 -25.05 25.65 11.70
N GLU A 112 -26.12 24.89 11.45
CA GLU A 112 -27.43 25.44 11.07
C GLU A 112 -28.01 26.38 12.17
N LYS A 113 -27.95 25.96 13.43
CA LYS A 113 -28.51 26.78 14.50
C LYS A 113 -27.84 28.14 14.54
N ARG A 114 -26.60 28.26 14.06
CA ARG A 114 -25.93 29.55 14.03
C ARG A 114 -26.17 30.33 12.72
N PHE A 115 -25.99 29.64 11.60
CA PHE A 115 -26.15 30.23 10.29
C PHE A 115 -27.16 29.42 9.54
N PRO A 116 -28.42 29.88 9.49
CA PRO A 116 -29.44 28.91 9.05
C PRO A 116 -29.37 28.39 7.63
N GLY A 117 -28.61 29.02 6.74
CA GLY A 117 -28.42 28.41 5.43
C GLY A 117 -27.10 27.69 5.26
N TYR A 118 -26.32 27.55 6.34
CA TYR A 118 -24.85 27.46 6.20
C TYR A 118 -24.42 26.67 4.96
N PRO A 119 -23.74 27.35 4.02
CA PRO A 119 -23.38 26.73 2.74
C PRO A 119 -21.99 26.11 2.69
N LYS A 120 -21.08 26.58 3.54
CA LYS A 120 -19.67 26.14 3.50
C LYS A 120 -19.50 24.76 4.18
N GLY A 121 -18.25 24.30 4.29
CA GLY A 121 -17.96 22.93 4.73
C GLY A 121 -18.27 22.66 6.19
N ILE A 122 -18.83 21.48 6.45
CA ILE A 122 -19.27 21.06 7.78
C ILE A 122 -18.19 20.18 8.44
N THR A 123 -17.31 20.85 9.15
CA THR A 123 -16.00 20.35 9.46
C THR A 123 -15.79 20.05 10.94
N VAL A 124 -14.87 19.12 11.21
CA VAL A 124 -14.31 18.95 12.54
C VAL A 124 -12.81 19.27 12.51
N PRO A 125 -12.27 19.81 13.60
CA PRO A 125 -12.92 20.06 14.87
C PRO A 125 -13.78 21.30 14.82
N ALA A 126 -14.82 21.30 15.64
CA ALA A 126 -15.68 22.44 15.84
C ALA A 126 -15.90 22.59 17.33
N VAL A 127 -15.95 23.84 17.80
CA VAL A 127 -16.26 24.11 19.18
C VAL A 127 -17.64 24.73 19.27
N VAL A 128 -18.49 24.10 20.07
CA VAL A 128 -19.89 24.46 20.17
C VAL A 128 -20.16 25.03 21.54
N GLU A 129 -20.95 26.09 21.60
CA GLU A 129 -21.38 26.64 22.89
C GLU A 129 -22.61 25.88 23.30
N ILE A 130 -22.57 25.33 24.52
CA ILE A 130 -23.49 24.28 24.92
C ILE A 130 -24.93 24.78 25.10
N ALA A 131 -25.06 25.89 25.82
CA ALA A 131 -26.37 26.47 26.15
C ALA A 131 -27.16 26.86 24.89
N THR A 132 -26.45 27.21 23.84
CA THR A 132 -27.07 27.75 22.67
C THR A 132 -27.12 26.70 21.52
N GLY A 133 -26.17 25.75 21.53
CA GLY A 133 -26.11 24.70 20.52
C GLY A 133 -25.55 25.13 19.18
N GLU A 134 -24.77 26.21 19.20
CA GLU A 134 -24.30 26.88 18.01
C GLU A 134 -22.82 26.66 17.90
N VAL A 135 -22.34 26.49 16.68
CA VAL A 135 -20.92 26.43 16.44
C VAL A 135 -20.32 27.80 16.68
N VAL A 136 -19.26 27.87 17.47
CA VAL A 136 -18.56 29.11 17.67
C VAL A 136 -17.49 29.25 16.59
N THR A 137 -16.66 28.21 16.42
CA THR A 137 -15.49 28.27 15.54
C THR A 137 -15.17 26.87 14.99
N ASN A 138 -14.59 26.82 13.80
CA ASN A 138 -13.97 25.58 13.29
C ASN A 138 -12.60 25.83 12.63
N ASP A 139 -11.96 26.92 13.03
CA ASP A 139 -10.67 27.34 12.48
C ASP A 139 -9.52 26.62 13.16
N PHE A 140 -9.27 25.39 12.73
CA PHE A 140 -8.44 24.50 13.54
C PHE A 140 -7.01 24.99 13.82
N PRO A 141 -6.43 25.80 12.91
CA PRO A 141 -5.08 26.21 13.33
C PRO A 141 -5.15 27.20 14.50
N GLN A 142 -6.09 28.13 14.47
CA GLN A 142 -6.22 29.08 15.53
C GLN A 142 -6.69 28.37 16.81
N ILE A 143 -7.59 27.41 16.69
CA ILE A 143 -8.14 26.69 17.86
C ILE A 143 -7.05 26.11 18.76
N THR A 144 -6.04 25.49 18.17
CA THR A 144 -5.00 24.86 18.99
C THR A 144 -4.05 25.88 19.61
N ILE A 145 -3.83 27.00 18.92
CA ILE A 145 -3.04 28.10 19.48
C ILE A 145 -3.77 28.64 20.72
N ASP A 146 -5.07 28.85 20.52
CA ASP A 146 -5.89 29.42 21.54
C ASP A 146 -6.02 28.48 22.75
N PHE A 147 -5.92 27.17 22.59
CA PHE A 147 -5.83 26.35 23.81
C PHE A 147 -4.59 26.71 24.61
N SER A 148 -3.46 26.85 23.95
CA SER A 148 -2.22 27.19 24.64
C SER A 148 -2.23 28.62 25.24
N LEU A 149 -2.83 29.59 24.55
CA LEU A 149 -2.68 31.01 24.94
C LEU A 149 -3.82 31.57 25.76
N GLU A 150 -5.04 31.24 25.38
CA GLU A 150 -6.21 31.81 26.03
C GLU A 150 -6.76 31.00 27.22
N TRP A 151 -6.60 29.68 27.19
CA TRP A 151 -7.12 28.83 28.27
C TRP A 151 -6.08 28.63 29.34
N THR A 152 -5.07 29.49 29.30
CA THR A 152 -3.90 29.33 30.14
C THR A 152 -4.22 29.19 31.65
N ALA A 153 -5.26 29.87 32.11
CA ALA A 153 -5.65 29.81 33.52
C ALA A 153 -6.17 28.44 33.98
N TYR A 154 -6.55 27.57 33.05
CA TYR A 154 -7.14 26.28 33.42
C TYR A 154 -6.26 25.09 33.06
N HIS A 155 -5.07 25.39 32.55
CA HIS A 155 -4.08 24.37 32.34
C HIS A 155 -3.82 23.70 33.68
N ARG A 156 -3.53 22.41 33.65
CA ARG A 156 -3.06 21.69 34.82
C ARG A 156 -1.68 22.21 35.18
N ASP A 157 -1.26 22.01 36.42
CA ASP A 157 0.14 22.22 36.81
C ASP A 157 0.92 21.30 35.97
N GLY A 158 1.99 21.78 35.36
CA GLY A 158 2.84 20.89 34.59
C GLY A 158 2.50 20.80 33.11
N ALA A 159 1.44 21.46 32.68
CA ALA A 159 1.21 21.65 31.26
C ALA A 159 2.45 22.31 30.64
N PRO A 160 2.79 21.92 29.42
CA PRO A 160 3.94 22.54 28.77
C PRO A 160 3.63 23.79 27.95
N GLN A 161 4.70 24.38 27.41
CA GLN A 161 4.64 25.51 26.51
C GLN A 161 4.76 24.94 25.12
N LEU A 162 3.61 24.75 24.49
CA LEU A 162 3.60 24.29 23.12
C LEU A 162 3.81 25.42 22.12
N TYR A 163 3.63 26.67 22.54
CA TYR A 163 3.74 27.80 21.63
C TYR A 163 4.29 29.01 22.34
N PRO A 164 5.48 28.89 22.94
CA PRO A 164 6.06 30.00 23.70
C PRO A 164 6.51 31.16 22.82
N GLU A 165 6.32 32.39 23.32
CA GLU A 165 6.62 33.58 22.56
C GLU A 165 7.97 33.48 21.86
N HIS A 166 9.01 33.09 22.60
CA HIS A 166 10.37 33.13 22.03
C HIS A 166 10.63 32.11 20.90
N LEU A 167 9.68 31.22 20.58
CA LEU A 167 9.85 30.24 19.47
C LEU A 167 8.85 30.39 18.34
N ARG A 168 7.83 31.21 18.52
CA ARG A 168 6.70 31.24 17.58
C ARG A 168 7.12 31.44 16.13
N ALA A 169 8.09 32.32 15.90
CA ALA A 169 8.59 32.59 14.57
C ALA A 169 9.04 31.30 13.93
N GLU A 170 9.84 30.54 14.69
CA GLU A 170 10.44 29.31 14.18
C GLU A 170 9.38 28.25 14.02
N ILE A 171 8.52 28.13 15.01
CA ILE A 171 7.41 27.20 14.92
C ILE A 171 6.55 27.52 13.73
N ASP A 172 6.28 28.79 13.49
CA ASP A 172 5.40 29.15 12.41
C ASP A 172 6.01 28.84 11.05
N GLU A 173 7.31 29.06 10.88
CA GLU A 173 7.90 28.86 9.57
C GLU A 173 7.98 27.36 9.28
N VAL A 174 8.36 26.57 10.27
CA VAL A 174 8.43 25.12 10.10
C VAL A 174 7.06 24.57 9.77
N SER A 175 6.07 24.92 10.59
CA SER A 175 4.70 24.44 10.41
C SER A 175 4.09 24.77 9.05
N LYS A 176 4.38 25.94 8.51
CA LYS A 176 3.85 26.30 7.21
C LYS A 176 4.43 25.38 6.16
N GLY A 177 5.72 25.09 6.26
CA GLY A 177 6.38 24.18 5.33
C GLY A 177 5.73 22.82 5.41
N ILE A 178 5.61 22.31 6.62
CA ILE A 178 4.97 21.03 6.82
C ILE A 178 3.54 21.05 6.31
N TYR A 179 2.77 22.06 6.67
CA TYR A 179 1.39 22.10 6.21
C TYR A 179 1.29 21.87 4.70
N THR A 180 1.93 22.72 3.90
CA THR A 180 1.72 22.70 2.47
C THR A 180 2.34 21.49 1.80
N GLU A 181 3.50 21.09 2.28
CA GLU A 181 4.21 19.98 1.65
C GLU A 181 3.76 18.61 2.17
N VAL A 182 3.23 18.53 3.40
CA VAL A 182 3.03 17.22 4.03
C VAL A 182 1.63 17.03 4.48
N ASN A 183 1.18 17.83 5.45
CA ASN A 183 -0.16 17.67 6.02
C ASN A 183 -1.18 17.62 4.87
N ASN A 184 -1.01 18.59 3.99
CA ASN A 184 -1.84 18.81 2.82
C ASN A 184 -1.24 18.14 1.58
N GLY A 185 0.05 17.87 1.62
CA GLY A 185 0.71 17.09 0.56
C GLY A 185 0.01 15.76 0.28
N VAL A 186 -0.30 15.02 1.34
CA VAL A 186 -0.87 13.69 1.15
C VAL A 186 -2.25 13.76 0.49
N TYR A 187 -3.07 14.73 0.86
CA TYR A 187 -4.38 14.92 0.21
C TYR A 187 -4.24 15.21 -1.30
N ARG A 188 -3.24 16.01 -1.61
CA ARG A 188 -3.06 16.46 -2.97
C ARG A 188 -2.63 15.30 -3.88
N CYS A 189 -1.97 14.30 -3.31
CA CYS A 189 -1.67 13.05 -4.01
C CYS A 189 -2.91 12.23 -4.21
N GLY A 190 -3.55 11.86 -3.11
CA GLY A 190 -4.68 10.97 -3.16
C GLY A 190 -5.84 11.53 -3.96
N PHE A 191 -6.08 12.83 -3.82
CA PHE A 191 -7.19 13.46 -4.53
C PHE A 191 -6.77 14.05 -5.88
N ALA A 192 -5.51 13.90 -6.26
CA ALA A 192 -5.10 14.28 -7.59
C ALA A 192 -6.04 13.69 -8.65
N GLY A 193 -6.44 14.52 -9.62
CA GLY A 193 -7.26 14.08 -10.74
C GLY A 193 -6.47 13.80 -12.02
N SER A 194 -5.16 13.62 -11.92
CA SER A 194 -4.35 13.23 -13.06
C SER A 194 -2.98 12.72 -12.64
N GLN A 195 -2.44 11.80 -13.44
CA GLN A 195 -1.11 11.29 -13.19
C GLN A 195 -0.10 12.41 -12.90
N ASP A 196 -0.12 13.47 -13.71
CA ASP A 196 0.87 14.55 -13.59
C ASP A 196 0.71 15.32 -12.30
N ALA A 197 -0.54 15.64 -11.96
CA ALA A 197 -0.83 16.28 -10.69
C ALA A 197 -0.30 15.42 -9.55
N TYR A 198 -0.65 14.15 -9.59
CA TYR A 198 -0.17 13.20 -8.60
C TYR A 198 1.36 13.19 -8.50
N ASP A 199 2.03 13.12 -9.65
CA ASP A 199 3.47 13.02 -9.69
C ASP A 199 4.12 14.18 -8.96
N ALA A 200 3.52 15.36 -9.14
CA ALA A 200 4.04 16.60 -8.56
C ALA A 200 3.90 16.59 -7.08
N ALA A 201 2.73 16.17 -6.61
CA ALA A 201 2.49 16.05 -5.18
C ALA A 201 3.46 15.06 -4.54
N TYR A 202 3.65 13.92 -5.19
CA TYR A 202 4.54 12.90 -4.68
C TYR A 202 5.94 13.45 -4.45
N ASP A 203 6.44 14.21 -5.41
CA ASP A 203 7.79 14.73 -5.29
C ASP A 203 7.93 15.70 -4.13
N ARG A 204 7.00 16.65 -4.06
CA ARG A 204 7.07 17.64 -3.02
C ARG A 204 7.01 17.01 -1.65
N LEU A 205 6.16 16.01 -1.54
CA LEU A 205 5.99 15.26 -0.31
C LEU A 205 7.28 14.64 0.18
N PHE A 206 7.94 13.92 -0.70
CA PHE A 206 9.07 13.14 -0.26
C PHE A 206 10.33 13.98 -0.14
N THR A 207 10.43 15.05 -0.92
CA THR A 207 11.49 16.02 -0.74
C THR A 207 11.44 16.58 0.66
N LYS A 208 10.24 16.97 1.06
CA LYS A 208 10.05 17.50 2.39
C LYS A 208 10.40 16.51 3.49
N LEU A 209 10.00 15.25 3.32
CA LEU A 209 10.21 14.27 4.35
C LEU A 209 11.70 14.00 4.51
N ASP A 210 12.45 14.12 3.41
CA ASP A 210 13.91 14.02 3.47
C ASP A 210 14.51 15.23 4.19
N GLU A 211 14.03 16.41 3.80
CA GLU A 211 14.35 17.65 4.50
C GLU A 211 14.15 17.45 6.04
N LEU A 212 13.00 16.92 6.44
CA LEU A 212 12.72 16.72 7.86
C LEU A 212 13.53 15.61 8.49
N SER A 213 13.82 14.57 7.74
CA SER A 213 14.72 13.51 8.23
C SER A 213 16.08 14.09 8.61
N GLU A 214 16.61 14.98 7.76
CA GLU A 214 17.91 15.58 8.00
C GLU A 214 17.87 16.35 9.32
N ARG A 215 16.81 17.14 9.46
CA ARG A 215 16.61 17.97 10.63
C ARG A 215 16.53 17.16 11.91
N LEU A 216 15.79 16.06 11.88
CA LEU A 216 15.51 15.31 13.09
C LEU A 216 16.57 14.29 13.40
N ALA A 217 17.54 14.15 12.51
CA ALA A 217 18.67 13.26 12.76
C ALA A 217 19.48 13.76 13.93
N GLN A 218 19.67 15.07 13.98
CA GLN A 218 20.56 15.68 14.95
C GLN A 218 19.83 16.09 16.24
N GLN A 219 18.49 16.13 16.17
CA GLN A 219 17.63 16.96 17.04
C GLN A 219 16.45 16.09 17.46
N ARG A 220 16.10 16.06 18.74
CA ARG A 220 15.04 15.16 19.17
C ARG A 220 13.66 15.59 18.69
N TYR A 221 13.37 16.90 18.72
CA TYR A 221 12.08 17.42 18.25
C TYR A 221 12.29 18.49 17.18
N LEU A 222 11.19 18.92 16.56
CA LEU A 222 11.26 19.81 15.41
C LEU A 222 11.82 21.18 15.73
N VAL A 223 11.42 21.72 16.86
CA VAL A 223 11.83 23.07 17.22
C VAL A 223 12.31 23.07 18.63
N GLY A 224 13.58 23.36 18.79
CA GLY A 224 14.16 23.45 20.10
C GLY A 224 14.17 22.13 20.86
N ASP A 225 13.93 22.25 22.16
CA ASP A 225 14.34 21.30 23.18
C ASP A 225 13.14 20.45 23.65
N THR A 226 11.99 20.80 23.10
CA THR A 226 10.75 20.50 23.71
C THR A 226 9.69 20.10 22.68
N ILE A 227 8.69 19.37 23.10
CA ILE A 227 7.53 19.16 22.25
C ILE A 227 6.83 20.51 22.07
N THR A 228 6.45 20.83 20.85
CA THR A 228 5.74 22.04 20.58
C THR A 228 4.63 21.80 19.57
N GLU A 229 3.85 22.84 19.32
CA GLU A 229 2.77 22.80 18.38
C GLU A 229 3.20 22.16 17.05
N ALA A 230 4.45 22.35 16.64
CA ALA A 230 4.90 21.81 15.34
C ALA A 230 4.90 20.29 15.34
N ASP A 231 5.42 19.70 16.40
CA ASP A 231 5.46 18.25 16.54
C ASP A 231 4.07 17.66 16.49
N VAL A 232 3.12 18.32 17.14
CA VAL A 232 1.75 17.81 17.15
C VAL A 232 1.18 17.77 15.74
N ARG A 233 1.44 18.82 14.97
CA ARG A 233 0.88 18.93 13.63
C ARG A 233 1.48 17.94 12.68
N LEU A 234 2.72 17.58 12.94
CA LEU A 234 3.41 16.62 12.11
C LEU A 234 2.99 15.24 12.52
N PHE A 235 2.75 15.04 13.80
CA PHE A 235 2.43 13.73 14.30
C PHE A 235 1.13 13.21 13.72
N THR A 236 0.10 14.03 13.64
CA THR A 236 -1.20 13.55 13.16
C THR A 236 -1.12 12.99 11.75
N THR A 237 -0.17 13.47 10.98
CA THR A 237 0.04 12.98 9.62
C THR A 237 0.83 11.66 9.57
N LEU A 238 1.90 11.56 10.33
CA LEU A 238 2.67 10.36 10.36
C LEU A 238 1.84 9.22 10.91
N ALA A 239 1.04 9.50 11.93
CA ALA A 239 0.14 8.49 12.51
C ALA A 239 -0.74 7.83 11.46
N ARG A 240 -1.09 8.57 10.41
CA ARG A 240 -1.97 8.05 9.40
C ARG A 240 -1.27 7.52 8.18
N PHE A 241 0.04 7.66 8.15
CA PHE A 241 0.79 7.40 6.94
C PHE A 241 0.66 5.97 6.48
N ASP A 242 1.20 5.02 7.28
CA ASP A 242 1.13 3.60 6.90
C ASP A 242 -0.30 3.04 6.86
N ALA A 243 -1.16 3.50 7.76
CA ALA A 243 -2.51 3.00 7.79
C ALA A 243 -3.34 3.44 6.58
N VAL A 244 -3.07 4.63 6.05
CA VAL A 244 -3.93 5.17 4.99
C VAL A 244 -3.17 5.76 3.81
N TYR A 245 -2.38 6.78 4.08
CA TYR A 245 -1.85 7.60 3.03
C TYR A 245 -0.99 6.78 2.06
N HIS A 246 -0.19 5.87 2.62
CA HIS A 246 0.68 5.01 1.83
C HIS A 246 -0.03 4.17 0.76
N GLY A 247 -1.14 3.52 1.12
CA GLY A 247 -1.93 2.75 0.17
C GLY A 247 -3.05 3.56 -0.47
N HIS A 248 -4.04 3.89 0.32
CA HIS A 248 -5.16 4.69 -0.16
C HIS A 248 -4.79 5.89 -1.06
N PHE A 249 -3.87 6.74 -0.60
CA PHE A 249 -3.48 7.94 -1.30
C PHE A 249 -2.25 7.71 -2.12
N LYS A 250 -1.74 6.49 -2.14
CA LYS A 250 -0.61 6.11 -3.00
C LYS A 250 0.68 6.89 -2.75
N CYS A 251 0.89 7.31 -1.50
CA CYS A 251 2.11 8.00 -1.13
C CYS A 251 3.18 6.98 -0.83
N ASN A 252 3.66 6.28 -1.84
CA ASN A 252 4.29 4.98 -1.58
C ASN A 252 5.76 4.80 -1.94
N ARG A 253 6.56 5.85 -1.88
CA ARG A 253 8.01 5.68 -2.05
C ARG A 253 8.50 4.60 -1.12
N SER A 254 7.89 4.57 0.05
CA SER A 254 8.36 3.73 1.10
C SER A 254 7.40 3.94 2.25
N LYS A 255 7.25 2.93 3.09
CA LYS A 255 6.50 3.06 4.31
C LYS A 255 7.24 3.88 5.36
N LEU A 256 6.46 4.42 6.31
CA LEU A 256 7.03 5.18 7.37
C LEU A 256 8.00 4.32 8.10
N SER A 257 7.62 3.09 8.40
CA SER A 257 8.49 2.20 9.13
C SER A 257 9.83 1.89 8.41
N GLU A 258 9.99 2.31 7.16
CA GLU A 258 11.27 2.14 6.45
C GLU A 258 12.12 3.40 6.42
N MET A 259 11.65 4.45 7.09
CA MET A 259 12.32 5.74 7.13
C MET A 259 12.88 5.88 8.51
N PRO A 260 14.11 5.42 8.70
CA PRO A 260 14.68 5.22 10.05
C PRO A 260 14.46 6.36 11.06
N VAL A 261 14.81 7.60 10.71
CA VAL A 261 14.72 8.68 11.70
C VAL A 261 13.29 9.11 11.97
N LEU A 262 12.50 9.30 10.90
CA LEU A 262 11.12 9.74 11.05
C LEU A 262 10.28 8.74 11.77
N TRP A 263 10.58 7.47 11.53
CA TRP A 263 9.89 6.40 12.22
C TRP A 263 10.20 6.44 13.71
N ALA A 264 11.48 6.67 14.05
CA ALA A 264 11.91 6.73 15.46
C ALA A 264 11.33 7.95 16.16
N TYR A 265 11.37 9.07 15.47
CA TYR A 265 10.65 10.27 15.90
C TYR A 265 9.16 10.00 16.11
N ALA A 266 8.51 9.40 15.11
CA ALA A 266 7.09 9.09 15.24
C ALA A 266 6.78 8.23 16.47
N ARG A 267 7.54 7.17 16.70
CA ARG A 267 7.28 6.28 17.83
C ARG A 267 7.53 6.96 19.17
N ASP A 268 8.52 7.83 19.20
CA ASP A 268 8.83 8.61 20.39
C ASP A 268 7.62 9.45 20.83
N LEU A 269 7.02 10.16 19.89
CA LEU A 269 5.76 10.88 20.12
C LEU A 269 4.61 9.95 20.41
N PHE A 270 4.46 8.88 19.66
CA PHE A 270 3.32 7.98 19.89
C PHE A 270 3.30 7.46 21.31
N GLN A 271 4.47 7.05 21.77
CA GLN A 271 4.64 6.52 23.11
C GLN A 271 4.61 7.59 24.19
N THR A 272 4.62 8.86 23.79
CA THR A 272 4.50 9.96 24.73
C THR A 272 3.00 10.14 25.13
N PRO A 273 2.69 10.16 26.43
CA PRO A 273 1.27 10.29 26.82
C PRO A 273 0.58 11.50 26.22
N GLY A 274 -0.67 11.31 25.79
CA GLY A 274 -1.44 12.35 25.11
C GLY A 274 -1.42 12.25 23.59
N PHE A 275 -0.61 11.35 23.04
CA PHE A 275 -0.45 11.21 21.60
C PHE A 275 -1.07 9.88 21.11
N GLY A 276 -0.38 8.79 21.39
CA GLY A 276 -0.83 7.50 20.98
C GLY A 276 -2.15 7.20 21.60
N ASP A 277 -2.35 7.63 22.83
CA ASP A 277 -3.65 7.37 23.50
C ASP A 277 -4.84 8.18 22.92
N THR A 278 -4.60 8.97 21.88
CA THR A 278 -5.70 9.70 21.25
C THR A 278 -6.01 9.06 19.91
N THR A 279 -5.27 8.01 19.58
CA THR A 279 -5.22 7.53 18.23
C THR A 279 -5.98 6.24 18.07
N ASP A 280 -7.06 6.29 17.27
CA ASP A 280 -7.88 5.10 16.96
C ASP A 280 -7.71 4.66 15.50
N PHE A 281 -6.90 3.63 15.32
CA PHE A 281 -6.58 3.16 13.98
C PHE A 281 -7.77 2.53 13.27
N THR A 282 -8.71 1.96 14.00
CA THR A 282 -9.82 1.37 13.31
C THR A 282 -10.68 2.45 12.68
N GLN A 283 -10.99 3.48 13.43
CA GLN A 283 -11.84 4.54 12.89
C GLN A 283 -11.13 5.38 11.81
N ILE A 284 -9.81 5.46 11.89
CA ILE A 284 -9.07 6.15 10.87
C ILE A 284 -9.24 5.45 9.54
N LYS A 285 -8.92 4.17 9.52
CA LYS A 285 -9.05 3.40 8.30
C LYS A 285 -10.48 3.36 7.81
N GLN A 286 -11.41 3.05 8.69
CA GLN A 286 -12.81 3.02 8.32
C GLN A 286 -13.23 4.27 7.59
N HIS A 287 -12.75 5.42 8.05
CA HIS A 287 -13.22 6.67 7.48
C HIS A 287 -12.72 6.90 6.08
N TYR A 288 -11.43 6.75 5.91
CA TYR A 288 -10.84 6.99 4.61
C TYR A 288 -11.32 5.97 3.58
N TYR A 289 -11.26 4.69 3.94
CA TYR A 289 -11.49 3.63 2.96
C TYR A 289 -12.97 3.48 2.65
N ILE A 290 -13.84 3.80 3.60
CA ILE A 290 -15.25 3.70 3.31
C ILE A 290 -15.82 5.00 2.76
N VAL A 291 -15.44 6.16 3.31
CA VAL A 291 -16.11 7.39 2.86
C VAL A 291 -15.69 7.78 1.44
N HIS A 292 -14.42 7.61 1.12
CA HIS A 292 -13.89 7.95 -0.22
C HIS A 292 -14.12 6.86 -1.28
N SER A 293 -15.38 6.63 -1.63
CA SER A 293 -15.78 5.61 -2.61
C SER A 293 -15.31 5.91 -4.03
N ASP A 294 -15.07 7.18 -4.29
CA ASP A 294 -14.59 7.60 -5.57
C ASP A 294 -13.17 7.12 -5.81
N ILE A 295 -12.36 7.04 -4.76
CA ILE A 295 -11.03 6.50 -4.88
C ILE A 295 -10.99 4.99 -4.67
N ASN A 296 -11.84 4.50 -3.78
CA ASN A 296 -11.85 3.08 -3.38
C ASN A 296 -13.26 2.54 -3.38
N PRO A 297 -13.80 2.24 -4.57
CA PRO A 297 -15.21 1.91 -4.68
C PRO A 297 -15.62 0.56 -4.07
N THR A 298 -14.72 -0.40 -3.87
CA THR A 298 -15.11 -1.59 -3.11
C THR A 298 -15.46 -1.26 -1.65
N GLN A 299 -14.94 -0.14 -1.13
CA GLN A 299 -15.14 0.26 0.28
C GLN A 299 -14.67 -0.80 1.27
N ILE A 300 -13.74 -1.62 0.81
CA ILE A 300 -13.15 -2.60 1.64
C ILE A 300 -12.04 -1.94 2.41
N VAL A 301 -11.98 -2.22 3.69
CA VAL A 301 -10.94 -1.69 4.54
C VAL A 301 -9.84 -2.73 4.74
N PRO A 302 -8.61 -2.35 4.44
CA PRO A 302 -7.52 -3.28 4.64
C PRO A 302 -7.41 -3.69 6.07
N LYS A 303 -7.07 -4.95 6.31
CA LYS A 303 -6.87 -5.43 7.67
C LYS A 303 -5.50 -5.08 8.19
N GLY A 304 -4.56 -4.81 7.28
CA GLY A 304 -3.23 -4.33 7.68
C GLY A 304 -3.20 -2.83 7.83
N PRO A 305 -2.04 -2.28 8.20
CA PRO A 305 -0.85 -2.97 8.64
C PRO A 305 -0.93 -3.46 10.07
N ASP A 306 0.01 -4.32 10.42
CA ASP A 306 0.21 -4.75 11.79
C ASP A 306 0.77 -3.54 12.53
N LEU A 307 0.16 -3.23 13.66
CA LEU A 307 0.47 -2.00 14.36
C LEU A 307 1.51 -2.14 15.46
N ARG A 308 1.97 -3.36 15.71
CA ARG A 308 2.72 -3.63 16.92
C ARG A 308 4.06 -2.87 16.97
N ASN A 309 4.68 -2.68 15.82
CA ASN A 309 5.92 -1.90 15.73
C ASN A 309 5.88 -0.51 16.36
N TRP A 310 4.70 0.04 16.56
CA TRP A 310 4.57 1.37 17.14
C TRP A 310 5.11 1.39 18.55
N LEU A 311 5.01 0.27 19.23
CA LEU A 311 5.42 0.18 20.63
C LEU A 311 6.85 -0.30 20.84
N THR A 312 7.61 -0.33 19.78
CA THR A 312 8.97 -0.79 19.87
C THR A 312 9.85 0.38 20.20
N PRO A 313 10.95 0.12 20.89
CA PRO A 313 11.99 1.07 21.30
C PRO A 313 12.60 1.90 20.19
N HIS A 314 12.70 3.21 20.42
CA HIS A 314 13.12 4.19 19.40
C HIS A 314 14.49 4.84 19.62
N HIS A 315 14.95 4.89 20.87
CA HIS A 315 16.29 5.40 21.19
C HIS A 315 16.51 6.88 20.80
N ARG A 316 15.50 7.69 21.04
CA ARG A 316 15.55 9.11 20.77
C ARG A 316 15.94 9.86 22.04
N GLU A 317 15.89 9.16 23.16
CA GLU A 317 16.28 9.73 24.44
C GLU A 317 17.77 10.07 24.39
N GLU A 318 18.51 9.24 23.68
CA GLU A 318 19.93 9.49 23.45
C GLU A 318 20.22 10.84 22.81
N LEU A 319 19.23 11.44 22.16
CA LEU A 319 19.40 12.76 21.55
C LEU A 319 19.14 13.91 22.54
N GLY A 320 18.88 13.57 23.80
CA GLY A 320 18.63 14.58 24.84
C GLY A 320 17.19 15.06 24.82
N GLY A 321 16.99 16.37 24.99
CA GLY A 321 15.65 16.99 25.05
C GLY A 321 14.88 16.75 26.34
N ARG A 322 13.97 17.66 26.68
CA ARG A 322 12.96 17.39 27.70
C ARG A 322 11.59 17.53 27.03
N PRO A 323 10.84 16.41 26.91
CA PRO A 323 9.53 16.39 26.27
C PRO A 323 8.63 17.54 26.75
N PHE A 324 8.47 17.64 28.06
CA PHE A 324 7.54 18.59 28.67
C PHE A 324 8.19 19.85 29.24
N GLY A 325 9.50 19.80 29.43
CA GLY A 325 10.31 21.00 29.63
C GLY A 325 9.89 21.75 30.87
N ASP A 326 10.34 21.27 32.02
CA ASP A 326 9.89 21.79 33.32
C ASP A 326 8.36 21.69 33.49
N GLY A 327 7.75 20.74 32.79
CA GLY A 327 6.35 20.35 32.99
C GLY A 327 6.33 18.86 33.30
N THR A 328 5.15 18.26 33.24
CA THR A 328 4.98 16.86 33.57
C THR A 328 4.14 16.21 32.47
N PRO A 329 4.34 14.90 32.24
CA PRO A 329 3.40 14.22 31.33
C PRO A 329 2.01 14.21 31.95
N PRO A 330 0.95 14.27 31.13
CA PRO A 330 -0.38 14.11 31.71
C PRO A 330 -0.61 12.66 32.15
N GLY A 331 -1.62 12.44 33.00
CA GLY A 331 -2.04 11.09 33.38
C GLY A 331 -2.75 10.43 32.22
N PRO A 332 -3.26 9.19 32.40
CA PRO A 332 -3.99 8.54 31.31
C PRO A 332 -5.34 9.25 31.06
N PRO A 333 -5.98 9.01 29.91
CA PRO A 333 -7.26 9.72 29.60
C PRO A 333 -8.45 9.41 30.55
N ILE A 334 -9.43 10.30 30.58
CA ILE A 334 -10.66 10.01 31.33
C ILE A 334 -11.29 8.80 30.65
N ALA A 335 -12.11 8.05 31.39
CA ALA A 335 -12.59 6.72 30.94
C ALA A 335 -13.42 6.69 29.64
N ALA A 336 -14.15 7.76 29.32
CA ALA A 336 -14.98 7.76 28.09
C ALA A 336 -14.17 8.18 26.87
N GLU A 337 -12.94 8.60 27.12
CA GLU A 337 -12.05 9.02 26.08
C GLU A 337 -10.99 7.98 25.79
N VAL A 338 -11.06 6.80 26.39
CA VAL A 338 -10.03 5.80 26.09
C VAL A 338 -10.40 5.12 24.78
N VAL A 339 -9.37 4.78 24.03
CA VAL A 339 -9.55 4.12 22.77
C VAL A 339 -9.78 2.67 23.09
N PRO A 340 -10.91 2.11 22.62
CA PRO A 340 -11.16 0.67 22.83
C PRO A 340 -9.96 -0.19 22.42
N ALA A 341 -9.61 -1.18 23.22
CA ALA A 341 -8.34 -1.93 23.04
C ALA A 341 -8.17 -2.61 21.66
N GLN A 342 -9.28 -3.20 21.20
CA GLN A 342 -9.44 -3.74 19.85
C GLN A 342 -9.19 -2.77 18.70
N ASN A 343 -9.41 -1.47 18.95
CA ASN A 343 -9.18 -0.41 17.97
C ASN A 343 -7.79 0.21 18.02
N TRP A 344 -7.02 -0.18 19.02
CA TRP A 344 -5.69 0.37 19.23
C TRP A 344 -4.68 -0.67 18.79
N VAL A 345 -3.43 -0.50 19.22
CA VAL A 345 -2.41 -1.51 19.04
C VAL A 345 -2.73 -2.73 19.93
N PRO A 346 -2.52 -3.97 19.41
CA PRO A 346 -2.64 -5.19 20.25
C PRO A 346 -1.53 -5.49 21.30
N THR A 347 -1.96 -6.05 22.44
CA THR A 347 -1.09 -6.42 23.55
C THR A 347 -0.90 -7.93 23.54
N TYR B 15 -12.53 -7.38 -13.07
CA TYR B 15 -12.67 -8.81 -12.63
C TYR B 15 -13.26 -9.01 -11.18
N VAL B 16 -14.02 -8.03 -10.65
CA VAL B 16 -14.62 -8.07 -9.30
C VAL B 16 -16.13 -8.30 -9.32
N THR B 17 -16.60 -9.35 -8.68
CA THR B 17 -18.04 -9.55 -8.59
C THR B 17 -18.49 -9.01 -7.23
N THR B 18 -19.37 -8.02 -7.21
CA THR B 18 -19.76 -7.36 -5.96
C THR B 18 -20.40 -8.31 -4.97
N GLY B 19 -20.00 -8.17 -3.70
CA GLY B 19 -20.51 -9.00 -2.61
C GLY B 19 -20.13 -10.47 -2.70
N GLN B 20 -19.08 -10.78 -3.47
CA GLN B 20 -18.71 -12.16 -3.75
C GLN B 20 -17.20 -12.35 -3.79
N GLU B 21 -16.78 -13.57 -3.45
CA GLU B 21 -15.38 -13.94 -3.47
C GLU B 21 -14.96 -14.08 -4.90
N PHE B 22 -13.69 -13.85 -5.15
CA PHE B 22 -13.17 -14.00 -6.49
C PHE B 22 -12.90 -15.46 -6.77
N VAL B 23 -13.59 -15.97 -7.79
CA VAL B 23 -13.40 -17.35 -8.21
C VAL B 23 -12.98 -17.34 -9.69
N ARG B 24 -11.81 -17.89 -9.96
CA ARG B 24 -11.23 -17.82 -11.30
C ARG B 24 -11.82 -18.85 -12.28
N ASP B 25 -12.05 -18.43 -13.52
CA ASP B 25 -12.56 -19.30 -14.60
C ASP B 25 -11.40 -19.99 -15.36
N THR B 26 -11.12 -21.24 -14.99
CA THR B 26 -9.98 -22.03 -15.49
C THR B 26 -10.20 -22.79 -16.86
N LYS B 27 -10.94 -22.19 -17.80
CA LYS B 27 -11.15 -22.85 -19.10
C LYS B 27 -9.94 -22.62 -20.03
N TYR B 28 -8.96 -23.53 -19.98
CA TYR B 28 -7.76 -23.46 -20.85
C TYR B 28 -7.79 -24.36 -22.08
N ILE B 29 -6.83 -24.11 -22.97
CA ILE B 29 -6.62 -24.93 -24.11
C ILE B 29 -5.50 -25.85 -23.71
N GLU B 30 -5.85 -27.13 -23.50
CA GLU B 30 -4.96 -28.12 -22.87
C GLU B 30 -4.08 -28.92 -23.89
N THR B 31 -4.28 -28.71 -25.19
CA THR B 31 -3.42 -29.30 -26.23
C THR B 31 -1.95 -29.12 -25.89
N ARG B 32 -1.11 -30.12 -26.12
CA ARG B 32 0.31 -29.99 -25.76
C ARG B 32 1.30 -30.12 -26.91
N ILE B 33 2.41 -29.41 -26.72
CA ILE B 33 3.54 -29.43 -27.60
C ILE B 33 4.50 -30.36 -26.91
N THR B 34 4.83 -31.45 -27.62
CA THR B 34 5.50 -32.60 -27.04
C THR B 34 6.54 -33.17 -28.01
N ALA B 35 7.58 -33.82 -27.47
CA ALA B 35 8.64 -34.44 -28.29
C ALA B 35 8.06 -35.46 -29.23
N ASP B 36 7.28 -36.40 -28.71
CA ASP B 36 6.62 -37.42 -29.54
C ASP B 36 5.55 -36.86 -30.47
N GLY B 37 5.11 -35.63 -30.26
CA GLY B 37 4.05 -35.05 -31.09
C GLY B 37 2.67 -35.65 -30.91
N ARG B 38 2.40 -36.21 -29.73
CA ARG B 38 1.12 -36.88 -29.41
C ARG B 38 -0.13 -36.13 -29.91
N ASP B 39 -0.22 -34.83 -29.62
CA ASP B 39 -1.43 -34.03 -29.94
C ASP B 39 -1.42 -33.39 -31.33
N GLY B 40 -0.39 -33.69 -32.12
CA GLY B 40 -0.26 -33.14 -33.48
C GLY B 40 0.62 -31.91 -33.54
N TYR B 41 1.39 -31.70 -32.47
CA TYR B 41 2.21 -30.52 -32.31
C TYR B 41 3.54 -30.95 -31.73
N PRO B 42 4.43 -31.47 -32.58
CA PRO B 42 5.77 -31.86 -32.13
C PRO B 42 6.67 -30.67 -31.87
N VAL B 43 7.63 -30.81 -30.96
CA VAL B 43 8.57 -29.72 -30.77
C VAL B 43 9.40 -29.67 -32.03
N GLU B 44 9.56 -28.46 -32.58
CA GLU B 44 10.69 -28.16 -33.45
C GLU B 44 11.01 -26.67 -33.50
N PRO B 45 12.30 -26.35 -33.64
CA PRO B 45 12.76 -24.99 -33.64
C PRO B 45 12.21 -24.21 -34.81
N GLY B 46 11.91 -22.95 -34.58
CA GLY B 46 11.41 -22.06 -35.60
C GLY B 46 9.93 -22.23 -35.89
N ARG B 47 9.27 -23.18 -35.24
CA ARG B 47 7.89 -23.50 -35.57
C ARG B 47 6.84 -22.75 -34.73
N TYR B 48 7.15 -22.59 -33.45
CA TYR B 48 6.23 -21.98 -32.49
C TYR B 48 6.76 -20.64 -32.01
N ARG B 49 5.88 -19.85 -31.42
CA ARG B 49 6.22 -18.55 -30.90
C ARG B 49 5.48 -18.35 -29.60
N LEU B 50 6.21 -17.95 -28.58
CA LEU B 50 5.65 -17.72 -27.29
C LEU B 50 5.12 -16.31 -27.23
N ILE B 51 3.85 -16.13 -26.85
CA ILE B 51 3.31 -14.80 -26.58
C ILE B 51 3.13 -14.56 -25.09
N ALA B 52 3.72 -13.49 -24.59
CA ALA B 52 3.68 -13.19 -23.18
C ALA B 52 3.53 -11.69 -22.95
N ALA B 53 3.54 -11.30 -21.68
CA ALA B 53 3.54 -9.89 -21.27
C ALA B 53 4.36 -9.78 -20.00
N ARG B 54 5.13 -8.71 -19.88
CA ARG B 54 5.95 -8.51 -18.71
C ARG B 54 5.10 -8.35 -17.46
N ALA B 55 3.87 -7.88 -17.66
CA ALA B 55 2.94 -7.59 -16.55
C ALA B 55 2.40 -8.81 -15.80
N CYS B 56 1.97 -9.79 -16.56
CA CYS B 56 1.24 -10.90 -16.01
C CYS B 56 2.23 -11.92 -15.42
N PRO B 57 2.01 -12.33 -14.18
CA PRO B 57 2.94 -13.21 -13.52
C PRO B 57 2.92 -14.64 -14.01
N TRP B 58 1.81 -15.07 -14.57
CA TRP B 58 1.76 -16.40 -15.17
C TRP B 58 2.70 -16.42 -16.37
N ALA B 59 2.53 -15.44 -17.24
CA ALA B 59 3.39 -15.31 -18.40
C ALA B 59 4.84 -15.10 -17.96
N ASN B 60 5.07 -14.37 -16.88
CA ASN B 60 6.44 -14.10 -16.49
C ASN B 60 7.21 -15.38 -16.13
N ARG B 61 6.52 -16.45 -15.73
CA ARG B 61 7.22 -17.72 -15.48
C ARG B 61 7.80 -18.29 -16.78
N THR B 62 6.94 -18.38 -17.78
CA THR B 62 7.36 -18.78 -19.11
C THR B 62 8.63 -18.06 -19.52
N LEU B 63 8.68 -16.75 -19.30
CA LEU B 63 9.84 -15.93 -19.69
C LEU B 63 11.07 -16.39 -18.94
N ILE B 64 10.95 -16.58 -17.63
CA ILE B 64 12.08 -16.97 -16.82
C ILE B 64 12.56 -18.34 -17.24
N VAL B 65 11.64 -19.28 -17.39
CA VAL B 65 12.00 -20.67 -17.71
C VAL B 65 12.71 -20.76 -19.06
N ARG B 66 12.09 -20.18 -20.07
CA ARG B 66 12.69 -20.09 -21.40
C ARG B 66 14.08 -19.54 -21.32
N ARG B 67 14.22 -18.57 -20.47
CA ARG B 67 15.47 -17.90 -20.30
C ARG B 67 16.51 -18.80 -19.59
N LEU B 68 16.09 -19.51 -18.55
CA LEU B 68 17.00 -20.44 -17.85
C LEU B 68 17.50 -21.63 -18.69
N LEU B 69 16.70 -22.03 -19.67
CA LEU B 69 16.99 -23.24 -20.43
C LEU B 69 17.57 -22.92 -21.79
N GLY B 70 17.77 -21.64 -22.08
CA GLY B 70 18.37 -21.24 -23.34
C GLY B 70 17.55 -21.58 -24.56
N LEU B 71 16.24 -21.39 -24.49
CA LEU B 71 15.36 -21.67 -25.61
C LEU B 71 15.07 -20.44 -26.47
N GLU B 72 15.85 -19.38 -26.30
CA GLU B 72 15.58 -18.11 -26.98
C GLU B 72 15.71 -18.22 -28.50
N ASN B 73 16.75 -18.93 -28.93
CA ASN B 73 17.08 -19.13 -30.34
C ASN B 73 16.21 -20.14 -31.09
N VAL B 74 15.36 -20.87 -30.37
CA VAL B 74 14.51 -21.89 -30.99
C VAL B 74 13.01 -21.70 -30.77
N LEU B 75 12.64 -20.88 -29.78
CA LEU B 75 11.25 -20.47 -29.57
C LEU B 75 11.16 -18.95 -29.54
N SER B 76 10.47 -18.38 -30.54
CA SER B 76 10.38 -16.92 -30.71
C SER B 76 9.51 -16.37 -29.62
N LEU B 77 9.62 -15.06 -29.43
CA LEU B 77 8.97 -14.38 -28.34
C LEU B 77 8.31 -13.13 -28.81
N GLY B 78 7.01 -13.00 -28.57
CA GLY B 78 6.31 -11.71 -28.70
C GLY B 78 5.86 -11.18 -27.35
N LEU B 79 5.84 -9.85 -27.19
CA LEU B 79 5.48 -9.23 -25.93
C LEU B 79 4.31 -8.27 -26.10
N CYS B 80 3.30 -8.45 -25.27
CA CYS B 80 2.20 -7.53 -25.32
C CYS B 80 2.44 -6.38 -24.37
N GLY B 81 1.78 -5.27 -24.73
CA GLY B 81 1.74 -4.11 -23.88
C GLY B 81 0.84 -4.34 -22.68
N PRO B 82 1.12 -3.60 -21.60
CA PRO B 82 0.42 -3.71 -20.32
C PRO B 82 -1.04 -3.30 -20.35
N THR B 83 -1.43 -2.46 -21.28
CA THR B 83 -2.79 -1.93 -21.28
C THR B 83 -3.59 -2.43 -22.46
N HIS B 84 -4.90 -2.47 -22.30
CA HIS B 84 -5.77 -2.93 -23.34
C HIS B 84 -7.22 -2.75 -22.95
N ASP B 85 -8.13 -2.86 -23.90
CA ASP B 85 -9.57 -2.75 -23.60
C ASP B 85 -10.17 -4.14 -23.25
N LYS B 86 -11.49 -4.25 -23.39
CA LYS B 86 -12.24 -5.49 -23.15
C LYS B 86 -11.79 -6.69 -23.98
N ASN B 87 -11.03 -6.48 -25.06
CA ASN B 87 -10.57 -7.59 -25.92
C ASN B 87 -9.17 -8.08 -25.64
N SER B 88 -8.70 -7.76 -24.44
CA SER B 88 -7.49 -8.31 -23.93
C SER B 88 -6.27 -7.89 -24.74
N TRP B 89 -5.22 -8.71 -24.71
CA TRP B 89 -3.89 -8.24 -25.01
C TRP B 89 -3.68 -7.78 -26.45
N THR B 90 -2.96 -6.67 -26.60
CA THR B 90 -2.65 -6.08 -27.88
C THR B 90 -1.14 -5.90 -27.95
N PHE B 91 -0.67 -5.62 -29.16
CA PHE B 91 0.75 -5.54 -29.48
C PHE B 91 1.10 -4.10 -29.76
N ASP B 92 0.81 -3.28 -28.77
CA ASP B 92 0.86 -1.87 -28.92
C ASP B 92 2.23 -1.29 -28.56
N LEU B 93 3.18 -2.12 -28.11
CA LEU B 93 4.55 -1.65 -27.89
C LEU B 93 5.38 -1.80 -29.15
N ASP B 94 4.76 -2.28 -30.20
CA ASP B 94 5.53 -2.74 -31.32
C ASP B 94 5.31 -1.84 -32.52
N PRO B 95 6.36 -1.70 -33.35
CA PRO B 95 6.21 -0.99 -34.58
C PRO B 95 4.98 -1.46 -35.34
N GLY B 96 4.12 -0.50 -35.66
CA GLY B 96 2.92 -0.75 -36.45
C GLY B 96 1.71 -1.05 -35.60
N GLY B 97 1.94 -1.28 -34.31
CA GLY B 97 0.91 -1.81 -33.42
C GLY B 97 0.54 -3.24 -33.78
N VAL B 98 1.51 -4.03 -34.23
CA VAL B 98 1.27 -5.42 -34.63
C VAL B 98 2.47 -6.26 -34.28
N ASP B 99 2.23 -7.55 -34.07
CA ASP B 99 3.31 -8.46 -33.75
C ASP B 99 4.26 -8.58 -34.94
N PRO B 100 5.54 -8.34 -34.72
CA PRO B 100 6.50 -8.49 -35.80
C PRO B 100 6.26 -9.72 -36.68
N VAL B 101 6.11 -10.90 -36.08
CA VAL B 101 6.10 -12.17 -36.83
C VAL B 101 4.70 -12.61 -37.24
N LEU B 102 3.78 -12.56 -36.30
CA LEU B 102 2.42 -12.98 -36.55
C LEU B 102 1.67 -11.94 -37.35
N GLY B 103 2.10 -10.69 -37.26
CA GLY B 103 1.46 -9.60 -38.00
C GLY B 103 0.05 -9.26 -37.56
N ILE B 104 -0.33 -9.59 -36.32
CA ILE B 104 -1.67 -9.29 -35.82
C ILE B 104 -1.61 -8.17 -34.78
N PRO B 105 -2.66 -7.35 -34.71
CA PRO B 105 -2.72 -6.24 -33.78
C PRO B 105 -3.10 -6.64 -32.33
N ARG B 106 -3.88 -7.72 -32.19
CA ARG B 106 -4.32 -8.23 -30.91
C ARG B 106 -4.35 -9.77 -30.88
N LEU B 107 -4.03 -10.31 -29.72
CA LEU B 107 -3.88 -11.75 -29.54
C LEU B 107 -5.18 -12.49 -29.80
N LYS B 108 -6.32 -11.86 -29.55
CA LYS B 108 -7.60 -12.55 -29.80
C LYS B 108 -7.70 -13.16 -31.22
N ASP B 109 -7.12 -12.48 -32.21
CA ASP B 109 -7.12 -12.99 -33.60
C ASP B 109 -6.50 -14.37 -33.70
N ALA B 110 -5.46 -14.63 -32.92
CA ALA B 110 -4.79 -15.92 -32.92
C ALA B 110 -5.64 -17.03 -32.30
N TYR B 111 -6.39 -16.69 -31.26
CA TYR B 111 -7.37 -17.60 -30.71
C TYR B 111 -8.52 -17.80 -31.68
N GLU B 112 -8.93 -16.72 -32.33
CA GLU B 112 -10.01 -16.79 -33.31
C GLU B 112 -9.63 -17.70 -34.47
N LYS B 113 -8.41 -17.56 -34.98
CA LYS B 113 -7.96 -18.35 -36.13
C LYS B 113 -8.08 -19.85 -35.83
N ARG B 114 -8.00 -20.26 -34.56
CA ARG B 114 -8.13 -21.68 -34.24
C ARG B 114 -9.56 -22.08 -33.94
N PHE B 115 -10.23 -21.29 -33.13
CA PHE B 115 -11.58 -21.57 -32.71
C PHE B 115 -12.37 -20.35 -33.08
N PRO B 116 -13.01 -20.37 -34.25
CA PRO B 116 -13.71 -19.15 -34.62
C PRO B 116 -14.83 -18.99 -33.61
N GLY B 117 -15.00 -17.78 -33.09
CA GLY B 117 -15.95 -17.51 -32.02
C GLY B 117 -15.46 -17.82 -30.60
N TYR B 118 -14.21 -18.22 -30.41
CA TYR B 118 -13.67 -18.61 -29.09
C TYR B 118 -14.32 -17.80 -27.97
N PRO B 119 -15.05 -18.49 -27.10
CA PRO B 119 -15.79 -17.80 -26.04
C PRO B 119 -15.04 -17.61 -24.71
N LYS B 120 -14.05 -18.45 -24.42
CA LYS B 120 -13.37 -18.37 -23.11
C LYS B 120 -12.33 -17.23 -23.08
N GLY B 121 -11.57 -17.16 -22.00
CA GLY B 121 -10.66 -16.06 -21.75
C GLY B 121 -9.46 -16.00 -22.68
N ILE B 122 -9.08 -14.78 -23.06
CA ILE B 122 -7.97 -14.54 -23.99
C ILE B 122 -6.68 -14.16 -23.22
N THR B 123 -5.88 -15.16 -22.91
CA THR B 123 -4.85 -14.99 -21.89
C THR B 123 -3.44 -15.13 -22.45
N VAL B 124 -2.51 -14.64 -21.63
CA VAL B 124 -1.10 -14.94 -21.78
C VAL B 124 -0.60 -15.69 -20.53
N PRO B 125 0.37 -16.59 -20.70
CA PRO B 125 1.09 -16.86 -21.93
C PRO B 125 0.29 -17.73 -22.85
N ALA B 126 0.55 -17.57 -24.15
CA ALA B 126 -0.01 -18.42 -25.17
C ALA B 126 1.12 -18.80 -26.11
N VAL B 127 1.09 -20.03 -26.61
CA VAL B 127 2.05 -20.45 -27.62
C VAL B 127 1.31 -20.63 -28.93
N VAL B 128 1.82 -19.92 -29.94
CA VAL B 128 1.19 -19.87 -31.23
C VAL B 128 2.07 -20.59 -32.24
N GLU B 129 1.43 -21.36 -33.13
CA GLU B 129 2.15 -21.98 -34.24
C GLU B 129 2.22 -20.98 -35.39
N ILE B 130 3.44 -20.72 -35.87
CA ILE B 130 3.71 -19.54 -36.69
C ILE B 130 3.08 -19.61 -38.09
N ALA B 131 3.29 -20.75 -38.74
CA ALA B 131 2.82 -20.99 -40.10
C ALA B 131 1.30 -20.86 -40.24
N THR B 132 0.60 -21.19 -39.17
CA THR B 132 -0.83 -21.25 -39.21
C THR B 132 -1.46 -20.06 -38.48
N GLY B 133 -0.76 -19.48 -37.52
CA GLY B 133 -1.26 -18.29 -36.79
C GLY B 133 -2.28 -18.61 -35.72
N GLU B 134 -2.27 -19.86 -35.26
CA GLU B 134 -3.27 -20.39 -34.36
C GLU B 134 -2.68 -20.62 -33.01
N VAL B 135 -3.46 -20.38 -31.96
CA VAL B 135 -3.03 -20.69 -30.61
C VAL B 135 -3.02 -22.20 -30.43
N VAL B 136 -1.91 -22.74 -29.93
CA VAL B 136 -1.81 -24.16 -29.64
C VAL B 136 -2.29 -24.42 -28.22
N THR B 137 -1.75 -23.66 -27.27
CA THR B 137 -2.02 -23.88 -25.84
C THR B 137 -1.91 -22.57 -25.06
N ASN B 138 -2.66 -22.45 -23.96
CA ASN B 138 -2.44 -21.37 -22.98
C ASN B 138 -2.50 -21.87 -21.53
N ASP B 139 -2.23 -23.17 -21.37
CA ASP B 139 -2.28 -23.85 -20.07
C ASP B 139 -0.96 -23.64 -19.35
N PHE B 140 -0.83 -22.49 -18.71
CA PHE B 140 0.47 -22.08 -18.25
C PHE B 140 1.15 -23.03 -17.26
N PRO B 141 0.39 -23.80 -16.47
CA PRO B 141 1.17 -24.70 -15.61
C PRO B 141 1.83 -25.83 -16.42
N GLN B 142 1.08 -26.40 -17.36
CA GLN B 142 1.66 -27.45 -18.22
C GLN B 142 2.75 -26.89 -19.15
N ILE B 143 2.57 -25.67 -19.66
CA ILE B 143 3.56 -25.06 -20.56
C ILE B 143 5.00 -25.02 -20.00
N THR B 144 5.14 -24.65 -18.75
CA THR B 144 6.46 -24.54 -18.19
C THR B 144 7.08 -25.92 -17.89
N ILE B 145 6.24 -26.89 -17.55
CA ILE B 145 6.73 -28.24 -17.35
C ILE B 145 7.28 -28.73 -18.68
N ASP B 146 6.50 -28.49 -19.71
CA ASP B 146 6.81 -28.98 -21.04
C ASP B 146 8.06 -28.31 -21.57
N PHE B 147 8.38 -27.08 -21.18
CA PHE B 147 9.71 -26.59 -21.55
C PHE B 147 10.81 -27.47 -20.95
N SER B 148 10.69 -27.81 -19.67
CA SER B 148 11.69 -28.63 -19.02
C SER B 148 11.74 -30.08 -19.58
N LEU B 149 10.57 -30.68 -19.91
CA LEU B 149 10.54 -32.11 -20.26
C LEU B 149 10.56 -32.41 -21.75
N GLU B 150 9.82 -31.65 -22.55
CA GLU B 150 9.69 -31.98 -23.97
C GLU B 150 10.70 -31.27 -24.89
N TRP B 151 11.16 -30.08 -24.51
CA TRP B 151 12.14 -29.34 -25.31
C TRP B 151 13.56 -29.70 -24.88
N THR B 152 13.69 -30.79 -24.14
CA THR B 152 14.94 -31.13 -23.52
C THR B 152 16.13 -31.23 -24.50
N ALA B 153 15.85 -31.63 -25.74
CA ALA B 153 16.90 -31.73 -26.76
C ALA B 153 17.55 -30.39 -27.17
N TYR B 154 16.88 -29.26 -26.91
CA TYR B 154 17.35 -27.96 -27.37
C TYR B 154 17.80 -27.05 -26.25
N HIS B 155 17.78 -27.59 -25.04
CA HIS B 155 18.34 -26.89 -23.89
C HIS B 155 19.78 -26.60 -24.18
N ARG B 156 20.27 -25.48 -23.67
CA ARG B 156 21.68 -25.16 -23.72
C ARG B 156 22.41 -26.16 -22.80
N ASP B 157 23.71 -26.35 -23.05
CA ASP B 157 24.55 -27.11 -22.10
C ASP B 157 24.55 -26.27 -20.83
N GLY B 158 24.33 -26.91 -19.70
CA GLY B 158 24.31 -26.18 -18.41
C GLY B 158 22.93 -25.73 -17.96
N ALA B 159 21.90 -25.96 -18.78
CA ALA B 159 20.54 -25.80 -18.33
C ALA B 159 20.34 -26.65 -17.08
N PRO B 160 19.58 -26.15 -16.09
CA PRO B 160 19.30 -26.97 -14.91
C PRO B 160 18.05 -27.88 -15.04
N GLN B 161 17.87 -28.69 -14.01
CA GLN B 161 16.71 -29.57 -13.86
C GLN B 161 15.74 -28.84 -12.98
N LEU B 162 14.79 -28.16 -13.59
CA LEU B 162 13.79 -27.46 -12.82
C LEU B 162 12.68 -28.39 -12.38
N TYR B 163 12.57 -29.57 -12.97
CA TYR B 163 11.49 -30.49 -12.65
C TYR B 163 11.96 -31.91 -12.79
N PRO B 164 13.05 -32.27 -12.09
CA PRO B 164 13.54 -33.63 -12.13
C PRO B 164 12.60 -34.67 -11.52
N GLU B 165 12.55 -35.85 -12.14
CA GLU B 165 11.67 -36.94 -11.70
C GLU B 165 11.68 -37.10 -10.18
N HIS B 166 12.86 -37.15 -9.57
CA HIS B 166 12.94 -37.51 -8.15
C HIS B 166 12.44 -36.45 -7.20
N LEU B 167 12.04 -35.27 -7.70
CA LEU B 167 11.46 -34.21 -6.85
C LEU B 167 10.02 -33.82 -7.17
N ARG B 168 9.49 -34.33 -8.27
CA ARG B 168 8.21 -33.84 -8.76
C ARG B 168 7.09 -33.89 -7.74
N ALA B 169 7.02 -34.97 -6.96
CA ALA B 169 6.05 -35.13 -5.89
C ALA B 169 6.08 -33.95 -4.93
N GLU B 170 7.30 -33.62 -4.48
CA GLU B 170 7.50 -32.57 -3.52
C GLU B 170 7.25 -31.22 -4.14
N ILE B 171 7.77 -31.02 -5.34
CA ILE B 171 7.49 -29.81 -6.08
C ILE B 171 6.00 -29.60 -6.28
N ASP B 172 5.30 -30.65 -6.65
CA ASP B 172 3.89 -30.53 -6.92
C ASP B 172 3.08 -30.18 -5.67
N GLU B 173 3.44 -30.75 -4.52
CA GLU B 173 2.66 -30.49 -3.30
C GLU B 173 2.91 -29.06 -2.79
N VAL B 174 4.16 -28.63 -2.82
CA VAL B 174 4.51 -27.26 -2.42
C VAL B 174 3.82 -26.26 -3.36
N SER B 175 3.97 -26.46 -4.66
CA SER B 175 3.38 -25.55 -5.65
C SER B 175 1.87 -25.42 -5.58
N LYS B 176 1.16 -26.50 -5.28
CA LYS B 176 -0.30 -26.36 -5.13
C LYS B 176 -0.64 -25.50 -3.93
N GLY B 177 0.10 -25.66 -2.85
CA GLY B 177 -0.10 -24.83 -1.66
C GLY B 177 0.10 -23.38 -2.01
N ILE B 178 1.23 -23.09 -2.63
CA ILE B 178 1.54 -21.73 -3.00
C ILE B 178 0.50 -21.20 -3.95
N TYR B 179 0.14 -21.97 -4.98
CA TYR B 179 -0.83 -21.49 -5.94
C TYR B 179 -2.08 -20.96 -5.24
N THR B 180 -2.74 -21.80 -4.46
CA THR B 180 -4.02 -21.41 -3.89
C THR B 180 -3.88 -20.34 -2.82
N GLU B 181 -2.86 -20.45 -1.99
CA GLU B 181 -2.74 -19.55 -0.85
C GLU B 181 -2.04 -18.25 -1.19
N VAL B 182 -1.23 -18.23 -2.24
CA VAL B 182 -0.37 -17.08 -2.50
C VAL B 182 -0.51 -16.54 -3.89
N ASN B 183 -0.14 -17.32 -4.91
CA ASN B 183 -0.20 -16.86 -6.29
C ASN B 183 -1.57 -16.28 -6.57
N ASN B 184 -2.56 -17.06 -6.21
CA ASN B 184 -3.93 -16.71 -6.36
C ASN B 184 -4.52 -16.06 -5.08
N GLY B 185 -3.87 -16.27 -3.95
CA GLY B 185 -4.27 -15.61 -2.72
C GLY B 185 -4.36 -14.11 -2.88
N VAL B 186 -3.39 -13.53 -3.55
CA VAL B 186 -3.39 -12.09 -3.71
C VAL B 186 -4.57 -11.65 -4.56
N TYR B 187 -4.88 -12.39 -5.61
CA TYR B 187 -6.04 -12.07 -6.44
C TYR B 187 -7.36 -12.17 -5.65
N ARG B 188 -7.42 -13.17 -4.79
CA ARG B 188 -8.59 -13.44 -4.00
C ARG B 188 -8.87 -12.34 -2.99
N CYS B 189 -7.82 -11.66 -2.51
CA CYS B 189 -7.93 -10.41 -1.73
C CYS B 189 -8.37 -9.22 -2.57
N GLY B 190 -7.59 -8.87 -3.58
CA GLY B 190 -7.86 -7.69 -4.40
C GLY B 190 -9.19 -7.74 -5.09
N PHE B 191 -9.57 -8.91 -5.58
CA PHE B 191 -10.82 -9.03 -6.32
C PHE B 191 -11.99 -9.41 -5.44
N ALA B 192 -11.73 -9.58 -4.14
CA ALA B 192 -12.81 -9.80 -3.20
C ALA B 192 -13.87 -8.71 -3.39
N GLY B 193 -15.12 -9.13 -3.45
CA GLY B 193 -16.22 -8.18 -3.58
C GLY B 193 -16.91 -7.92 -2.25
N SER B 194 -16.27 -8.25 -1.13
CA SER B 194 -16.84 -7.95 0.17
C SER B 194 -15.79 -8.01 1.27
N GLN B 195 -16.00 -7.19 2.29
CA GLN B 195 -15.10 -7.15 3.40
C GLN B 195 -14.79 -8.56 3.91
N ASP B 196 -15.82 -9.37 4.07
CA ASP B 196 -15.65 -10.69 4.68
C ASP B 196 -14.84 -11.62 3.81
N ALA B 197 -15.15 -11.64 2.51
CA ALA B 197 -14.36 -12.39 1.55
C ALA B 197 -12.90 -11.96 1.64
N TYR B 198 -12.69 -10.65 1.58
CA TYR B 198 -11.35 -10.09 1.70
C TYR B 198 -10.63 -10.54 2.98
N ASP B 199 -11.34 -10.46 4.11
CA ASP B 199 -10.77 -10.81 5.41
C ASP B 199 -10.22 -12.22 5.44
N ALA B 200 -10.97 -13.12 4.81
CA ALA B 200 -10.63 -14.52 4.76
C ALA B 200 -9.38 -14.74 3.92
N ALA B 201 -9.33 -14.11 2.76
CA ALA B 201 -8.18 -14.21 1.90
C ALA B 201 -6.93 -13.69 2.62
N TYR B 202 -7.06 -12.54 3.27
CA TYR B 202 -5.93 -11.90 3.92
C TYR B 202 -5.31 -12.88 4.92
N ASP B 203 -6.15 -13.55 5.69
CA ASP B 203 -5.63 -14.45 6.68
C ASP B 203 -4.88 -15.63 6.05
N ARG B 204 -5.48 -16.25 5.05
CA ARG B 204 -4.87 -17.39 4.43
C ARG B 204 -3.54 -17.04 3.79
N LEU B 205 -3.50 -15.86 3.19
CA LEU B 205 -2.30 -15.35 2.57
C LEU B 205 -1.14 -15.25 3.55
N PHE B 206 -1.39 -14.62 4.68
CA PHE B 206 -0.31 -14.31 5.57
C PHE B 206 0.07 -15.49 6.45
N THR B 207 -0.87 -16.38 6.74
CA THR B 207 -0.54 -17.66 7.34
C THR B 207 0.45 -18.41 6.47
N LYS B 208 0.15 -18.48 5.18
CA LYS B 208 1.01 -19.18 4.25
C LYS B 208 2.38 -18.56 4.21
N LEU B 209 2.46 -17.24 4.22
CA LEU B 209 3.75 -16.59 4.05
C LEU B 209 4.61 -16.84 5.28
N ASP B 210 3.97 -16.97 6.43
CA ASP B 210 4.68 -17.33 7.64
C ASP B 210 5.17 -18.76 7.56
N GLU B 211 4.27 -19.65 7.12
CA GLU B 211 4.61 -21.04 6.83
C GLU B 211 5.89 -21.05 5.93
N LEU B 212 5.89 -20.27 4.84
CA LEU B 212 7.02 -20.27 3.91
C LEU B 212 8.25 -19.62 4.51
N SER B 213 8.07 -18.62 5.35
CA SER B 213 9.20 -18.02 6.05
C SER B 213 9.91 -19.03 6.91
N GLU B 214 9.14 -19.85 7.64
CA GLU B 214 9.72 -20.88 8.49
C GLU B 214 10.56 -21.84 7.63
N ARG B 215 9.96 -22.28 6.52
CA ARG B 215 10.60 -23.22 5.59
C ARG B 215 11.91 -22.69 5.01
N LEU B 216 11.92 -21.43 4.59
CA LEU B 216 13.06 -20.86 3.91
C LEU B 216 14.08 -20.27 4.86
N ALA B 217 13.77 -20.25 6.15
CA ALA B 217 14.74 -19.87 7.16
C ALA B 217 15.73 -21.03 7.21
N GLN B 218 15.17 -22.21 6.95
CA GLN B 218 15.79 -23.49 7.15
C GLN B 218 16.48 -24.00 5.89
N GLN B 219 16.48 -23.26 4.80
CA GLN B 219 16.76 -23.86 3.49
C GLN B 219 16.90 -22.74 2.46
N ARG B 220 17.84 -22.85 1.54
CA ARG B 220 18.03 -21.75 0.60
C ARG B 220 16.88 -21.61 -0.39
N TYR B 221 16.38 -22.73 -0.88
CA TYR B 221 15.32 -22.71 -1.88
C TYR B 221 14.17 -23.54 -1.37
N LEU B 222 13.06 -23.49 -2.09
CA LEU B 222 11.84 -24.17 -1.66
C LEU B 222 11.91 -25.68 -1.63
N VAL B 223 12.54 -26.29 -2.63
CA VAL B 223 12.63 -27.74 -2.71
C VAL B 223 14.03 -28.17 -3.01
N GLY B 224 14.63 -28.86 -2.05
CA GLY B 224 15.96 -29.37 -2.20
C GLY B 224 17.02 -28.31 -2.27
N ASP B 225 18.00 -28.58 -3.11
CA ASP B 225 19.32 -28.00 -3.08
C ASP B 225 19.47 -26.90 -4.17
N THR B 226 18.43 -26.78 -4.99
CA THR B 226 18.53 -26.13 -6.29
C THR B 226 17.30 -25.28 -6.58
N ILE B 227 17.46 -24.38 -7.54
CA ILE B 227 16.33 -23.69 -8.07
C ILE B 227 15.47 -24.71 -8.81
N THR B 228 14.16 -24.67 -8.60
CA THR B 228 13.25 -25.54 -9.32
C THR B 228 12.02 -24.79 -9.75
N GLU B 229 11.15 -25.47 -10.48
CA GLU B 229 9.90 -24.91 -10.92
C GLU B 229 9.15 -24.20 -9.77
N ALA B 230 9.27 -24.70 -8.54
CA ALA B 230 8.53 -24.08 -7.41
C ALA B 230 8.99 -22.66 -7.13
N ASP B 231 10.30 -22.46 -7.09
CA ASP B 231 10.87 -21.14 -6.87
C ASP B 231 10.44 -20.15 -7.93
N VAL B 232 10.37 -20.60 -9.16
CA VAL B 232 9.96 -19.72 -10.22
C VAL B 232 8.55 -19.23 -10.00
N ARG B 233 7.66 -20.14 -9.61
CA ARG B 233 6.25 -19.83 -9.43
C ARG B 233 6.02 -18.90 -8.28
N LEU B 234 6.89 -19.00 -7.29
CA LEU B 234 6.78 -18.16 -6.11
C LEU B 234 7.36 -16.80 -6.41
N PHE B 235 8.39 -16.80 -7.23
CA PHE B 235 9.08 -15.57 -7.49
C PHE B 235 8.24 -14.58 -8.21
N THR B 236 7.48 -15.01 -9.20
CA THR B 236 6.66 -14.07 -9.98
C THR B 236 5.66 -13.30 -9.10
N THR B 237 5.24 -13.90 -7.99
CA THR B 237 4.37 -13.22 -7.07
C THR B 237 5.08 -12.25 -6.12
N LEU B 238 6.21 -12.64 -5.58
CA LEU B 238 6.95 -11.75 -4.69
C LEU B 238 7.41 -10.53 -5.46
N ALA B 239 7.83 -10.75 -6.70
CA ALA B 239 8.27 -9.63 -7.55
C ALA B 239 7.21 -8.53 -7.64
N ARG B 240 5.95 -8.92 -7.54
CA ARG B 240 4.85 -7.98 -7.71
C ARG B 240 4.25 -7.49 -6.42
N PHE B 241 4.75 -8.00 -5.31
CA PHE B 241 4.13 -7.77 -4.04
C PHE B 241 4.12 -6.31 -3.66
N ASP B 242 5.31 -5.75 -3.44
CA ASP B 242 5.39 -4.33 -3.04
C ASP B 242 4.90 -3.36 -4.14
N ALA B 243 5.16 -3.69 -5.39
CA ALA B 243 4.81 -2.81 -6.47
C ALA B 243 3.30 -2.76 -6.67
N VAL B 244 2.60 -3.84 -6.40
CA VAL B 244 1.18 -3.90 -6.69
C VAL B 244 0.34 -4.46 -5.59
N TYR B 245 0.59 -5.70 -5.23
CA TYR B 245 -0.34 -6.43 -4.40
C TYR B 245 -0.58 -5.76 -3.03
N HIS B 246 0.49 -5.26 -2.47
CA HIS B 246 0.42 -4.59 -1.19
C HIS B 246 -0.58 -3.40 -1.13
N GLY B 247 -0.51 -2.51 -2.10
CA GLY B 247 -1.44 -1.38 -2.15
C GLY B 247 -2.67 -1.75 -2.96
N HIS B 248 -2.48 -1.90 -4.25
CA HIS B 248 -3.60 -2.19 -5.15
C HIS B 248 -4.59 -3.24 -4.63
N PHE B 249 -4.05 -4.39 -4.22
CA PHE B 249 -4.88 -5.49 -3.74
C PHE B 249 -5.02 -5.51 -2.22
N LYS B 250 -4.45 -4.51 -1.56
CA LYS B 250 -4.59 -4.36 -0.10
C LYS B 250 -4.06 -5.54 0.71
N CYS B 251 -3.03 -6.20 0.20
CA CYS B 251 -2.38 -7.29 0.93
C CYS B 251 -1.36 -6.70 1.88
N ASN B 252 -1.82 -6.02 2.92
CA ASN B 252 -0.97 -5.03 3.58
C ASN B 252 -0.60 -5.24 5.04
N ARG B 253 -0.53 -6.48 5.51
CA ARG B 253 0.00 -6.73 6.85
C ARG B 253 1.35 -6.05 7.01
N SER B 254 2.12 -6.07 5.93
CA SER B 254 3.47 -5.61 5.95
C SER B 254 3.98 -5.70 4.53
N LYS B 255 4.95 -4.86 4.18
CA LYS B 255 5.63 -5.00 2.90
C LYS B 255 6.57 -6.20 2.86
N LEU B 256 6.87 -6.63 1.63
CA LEU B 256 7.82 -7.69 1.43
C LEU B 256 9.14 -7.33 2.06
N SER B 257 9.62 -6.11 1.83
CA SER B 257 10.89 -5.70 2.39
C SER B 257 10.94 -5.70 3.92
N GLU B 258 9.80 -5.92 4.59
CA GLU B 258 9.80 -6.03 6.05
C GLU B 258 9.69 -7.45 6.57
N MET B 259 9.71 -8.41 5.65
CA MET B 259 9.65 -9.82 5.97
C MET B 259 11.05 -10.36 5.72
N PRO B 260 11.87 -10.33 6.77
CA PRO B 260 13.31 -10.58 6.61
C PRO B 260 13.68 -11.77 5.72
N VAL B 261 13.17 -12.98 5.96
CA VAL B 261 13.66 -14.13 5.20
C VAL B 261 13.12 -14.16 3.77
N LEU B 262 11.83 -13.87 3.60
CA LEU B 262 11.22 -13.88 2.27
C LEU B 262 11.79 -12.82 1.38
N TRP B 263 12.12 -11.69 1.97
CA TRP B 263 12.76 -10.61 1.26
C TRP B 263 14.15 -11.02 0.79
N ALA B 264 14.89 -11.70 1.66
CA ALA B 264 16.24 -12.17 1.32
C ALA B 264 16.19 -13.24 0.24
N TYR B 265 15.26 -14.19 0.41
CA TYR B 265 14.99 -15.17 -0.62
C TYR B 265 14.63 -14.49 -1.93
N ALA B 266 13.72 -13.53 -1.88
CA ALA B 266 13.33 -12.81 -3.11
C ALA B 266 14.51 -12.15 -3.80
N ARG B 267 15.34 -11.45 -3.04
CA ARG B 267 16.45 -10.75 -3.65
C ARG B 267 17.50 -11.72 -4.23
N ASP B 268 17.68 -12.85 -3.57
CA ASP B 268 18.57 -13.90 -4.06
C ASP B 268 18.16 -14.36 -5.47
N LEU B 269 16.88 -14.68 -5.63
CA LEU B 269 16.32 -15.02 -6.95
C LEU B 269 16.36 -13.85 -7.91
N PHE B 270 15.99 -12.66 -7.45
CA PHE B 270 15.99 -11.53 -8.36
C PHE B 270 17.36 -11.32 -8.97
N GLN B 271 18.39 -11.41 -8.12
CA GLN B 271 19.78 -11.21 -8.52
C GLN B 271 20.35 -12.40 -9.30
N THR B 272 19.61 -13.51 -9.35
CA THR B 272 20.01 -14.66 -10.13
C THR B 272 19.66 -14.42 -11.62
N PRO B 273 20.64 -14.59 -12.54
CA PRO B 273 20.33 -14.37 -13.97
C PRO B 273 19.14 -15.18 -14.50
N GLY B 274 18.32 -14.53 -15.31
CA GLY B 274 17.09 -15.13 -15.82
C GLY B 274 15.83 -14.75 -15.03
N PHE B 275 16.00 -14.06 -13.90
CA PHE B 275 14.87 -13.69 -13.04
C PHE B 275 14.63 -12.18 -13.07
N GLY B 276 15.50 -11.42 -12.42
CA GLY B 276 15.38 -9.99 -12.36
C GLY B 276 15.48 -9.38 -13.73
N ASP B 277 16.31 -9.95 -14.59
CA ASP B 277 16.39 -9.47 -15.96
C ASP B 277 15.13 -9.76 -16.82
N THR B 278 14.11 -10.37 -16.26
CA THR B 278 12.87 -10.57 -17.02
C THR B 278 11.79 -9.64 -16.50
N THR B 279 12.15 -8.84 -15.50
CA THR B 279 11.16 -8.15 -14.70
C THR B 279 11.10 -6.66 -14.99
N ASP B 280 9.97 -6.23 -15.57
CA ASP B 280 9.74 -4.81 -15.94
C ASP B 280 8.71 -4.17 -14.99
N PHE B 281 9.20 -3.42 -14.01
CA PHE B 281 8.35 -2.86 -13.00
C PHE B 281 7.44 -1.78 -13.55
N THR B 282 7.83 -1.10 -14.59
CA THR B 282 6.97 -0.07 -15.08
C THR B 282 5.73 -0.69 -15.70
N GLN B 283 5.91 -1.71 -16.53
CA GLN B 283 4.78 -2.36 -17.19
C GLN B 283 3.90 -3.17 -16.24
N ILE B 284 4.49 -3.66 -15.16
CA ILE B 284 3.72 -4.33 -14.15
C ILE B 284 2.72 -3.39 -13.50
N LYS B 285 3.24 -2.28 -13.00
CA LYS B 285 2.39 -1.29 -12.36
C LYS B 285 1.37 -0.76 -13.34
N GLN B 286 1.82 -0.32 -14.50
CA GLN B 286 0.92 0.20 -15.50
C GLN B 286 -0.26 -0.72 -15.73
N HIS B 287 -0.02 -2.01 -15.74
CA HIS B 287 -1.06 -2.95 -16.10
C HIS B 287 -2.12 -3.06 -15.03
N TYR B 288 -1.67 -3.29 -13.82
CA TYR B 288 -2.60 -3.46 -12.76
C TYR B 288 -3.38 -2.18 -12.49
N TYR B 289 -2.68 -1.07 -12.35
CA TYR B 289 -3.29 0.16 -11.89
C TYR B 289 -4.14 0.80 -12.98
N ILE B 290 -3.79 0.61 -14.23
CA ILE B 290 -4.59 1.19 -15.29
C ILE B 290 -5.71 0.24 -15.75
N VAL B 291 -5.43 -1.05 -15.89
CA VAL B 291 -6.46 -1.90 -16.46
C VAL B 291 -7.61 -2.13 -15.48
N HIS B 292 -7.29 -2.32 -14.20
CA HIS B 292 -8.29 -2.60 -13.17
C HIS B 292 -9.00 -1.36 -12.66
N SER B 293 -9.77 -0.73 -13.55
CA SER B 293 -10.46 0.54 -13.28
C SER B 293 -11.59 0.37 -12.27
N ASP B 294 -12.10 -0.84 -12.16
CA ASP B 294 -13.12 -1.15 -11.18
C ASP B 294 -12.56 -1.07 -9.74
N ILE B 295 -11.30 -1.43 -9.54
CA ILE B 295 -10.67 -1.29 -8.23
C ILE B 295 -10.00 0.07 -8.03
N ASN B 296 -9.47 0.63 -9.12
CA ASN B 296 -8.73 1.88 -9.07
C ASN B 296 -9.17 2.79 -10.18
N PRO B 297 -10.29 3.47 -10.01
CA PRO B 297 -10.89 4.22 -11.11
C PRO B 297 -10.13 5.48 -11.53
N THR B 298 -9.32 6.07 -10.65
CA THR B 298 -8.49 7.19 -11.10
C THR B 298 -7.47 6.76 -12.16
N GLN B 299 -7.13 5.47 -12.16
CA GLN B 299 -6.11 4.91 -13.07
C GLN B 299 -4.78 5.62 -12.94
N ILE B 300 -4.53 6.15 -11.76
CA ILE B 300 -3.26 6.74 -11.45
C ILE B 300 -2.32 5.65 -10.98
N VAL B 301 -1.11 5.68 -11.49
CA VAL B 301 -0.10 4.71 -11.15
C VAL B 301 0.83 5.30 -10.12
N PRO B 302 0.97 4.62 -9.00
CA PRO B 302 1.90 5.12 -8.01
C PRO B 302 3.31 5.24 -8.57
N LYS B 303 4.04 6.26 -8.14
CA LYS B 303 5.44 6.38 -8.50
C LYS B 303 6.34 5.52 -7.64
N GLY B 304 5.89 5.15 -6.46
CA GLY B 304 6.66 4.23 -5.62
C GLY B 304 6.41 2.79 -6.01
N PRO B 305 7.08 1.87 -5.34
CA PRO B 305 8.15 2.07 -4.36
C PRO B 305 9.49 2.30 -5.03
N ASP B 306 10.45 2.74 -4.21
CA ASP B 306 11.85 2.85 -4.62
C ASP B 306 12.37 1.45 -4.72
N LEU B 307 12.96 1.13 -5.87
CA LEU B 307 13.29 -0.25 -6.17
C LEU B 307 14.71 -0.66 -5.79
N ARG B 308 15.50 0.27 -5.30
CA ARG B 308 16.94 0.06 -5.19
C ARG B 308 17.32 -1.05 -4.22
N ASN B 309 16.55 -1.20 -3.16
CA ASN B 309 16.72 -2.30 -2.20
C ASN B 309 16.80 -3.72 -2.80
N TRP B 310 16.31 -3.90 -4.02
CA TRP B 310 16.33 -5.20 -4.68
C TRP B 310 17.75 -5.67 -4.92
N LEU B 311 18.65 -4.73 -5.11
CA LEU B 311 20.04 -5.05 -5.42
C LEU B 311 20.95 -5.05 -4.19
N THR B 312 20.36 -5.07 -3.01
CA THR B 312 21.14 -5.09 -1.81
C THR B 312 21.42 -6.56 -1.46
N PRO B 313 22.54 -6.80 -0.77
CA PRO B 313 23.05 -8.09 -0.29
C PRO B 313 22.11 -8.86 0.59
N HIS B 314 21.93 -10.15 0.30
CA HIS B 314 20.92 -10.99 0.96
C HIS B 314 21.46 -12.09 1.90
N HIS B 315 22.71 -12.51 1.69
CA HIS B 315 23.39 -13.50 2.56
C HIS B 315 22.69 -14.86 2.63
N ARG B 316 22.19 -15.31 1.50
CA ARG B 316 21.53 -16.59 1.40
C ARG B 316 22.53 -17.65 1.01
N GLU B 317 23.69 -17.20 0.56
CA GLU B 317 24.77 -18.10 0.16
C GLU B 317 25.22 -18.85 1.42
N GLU B 318 25.15 -18.15 2.54
CA GLU B 318 25.45 -18.70 3.83
C GLU B 318 24.58 -19.92 4.18
N LEU B 319 23.46 -20.11 3.47
CA LEU B 319 22.61 -21.30 3.63
C LEU B 319 23.00 -22.48 2.71
N GLY B 320 24.08 -22.33 1.96
CA GLY B 320 24.55 -23.37 1.06
C GLY B 320 23.79 -23.36 -0.26
N GLY B 321 23.47 -24.56 -0.77
CA GLY B 321 22.76 -24.74 -2.05
C GLY B 321 23.64 -24.53 -3.28
N ARG B 322 23.26 -25.15 -4.40
CA ARG B 322 23.78 -24.76 -5.71
C ARG B 322 22.59 -24.34 -6.57
N PRO B 323 22.51 -23.03 -6.94
CA PRO B 323 21.42 -22.50 -7.77
C PRO B 323 21.11 -23.38 -8.98
N PHE B 324 22.13 -23.66 -9.77
CA PHE B 324 21.92 -24.37 -11.02
C PHE B 324 22.28 -25.85 -10.96
N GLY B 325 23.04 -26.24 -9.93
CA GLY B 325 23.23 -27.64 -9.59
C GLY B 325 23.89 -28.45 -10.68
N ASP B 326 25.22 -28.33 -10.76
CA ASP B 326 26.02 -28.85 -11.90
C ASP B 326 25.50 -28.38 -13.29
N GLY B 327 24.88 -27.20 -13.32
CA GLY B 327 24.57 -26.45 -14.55
C GLY B 327 25.32 -25.13 -14.46
N THR B 328 24.99 -24.20 -15.34
CA THR B 328 25.59 -22.85 -15.28
C THR B 328 24.50 -21.81 -15.36
N PRO B 329 24.77 -20.61 -14.84
CA PRO B 329 23.83 -19.52 -15.10
C PRO B 329 23.81 -19.16 -16.57
N PRO B 330 22.65 -18.74 -17.09
CA PRO B 330 22.62 -18.35 -18.49
C PRO B 330 23.33 -17.02 -18.65
N GLY B 331 23.70 -16.68 -19.87
CA GLY B 331 24.28 -15.38 -20.17
C GLY B 331 23.20 -14.31 -20.10
N PRO B 332 23.57 -13.05 -20.35
CA PRO B 332 22.54 -12.01 -20.33
C PRO B 332 21.54 -12.19 -21.50
N PRO B 333 20.34 -11.57 -21.41
CA PRO B 333 19.32 -11.79 -22.46
C PRO B 333 19.74 -11.33 -23.85
N ILE B 334 19.06 -11.82 -24.89
CA ILE B 334 19.28 -11.28 -26.23
C ILE B 334 18.84 -9.83 -26.16
N ALA B 335 19.39 -8.98 -27.02
CA ALA B 335 19.24 -7.52 -26.86
C ALA B 335 17.80 -6.96 -26.97
N ALA B 336 16.90 -7.64 -27.70
CA ALA B 336 15.51 -7.16 -27.83
C ALA B 336 14.63 -7.59 -26.65
N GLU B 337 15.17 -8.45 -25.81
CA GLU B 337 14.47 -8.91 -24.64
C GLU B 337 15.00 -8.24 -23.37
N VAL B 338 15.84 -7.22 -23.49
CA VAL B 338 16.38 -6.56 -22.30
C VAL B 338 15.36 -5.53 -21.85
N VAL B 339 15.24 -5.39 -20.55
CA VAL B 339 14.29 -4.44 -19.98
C VAL B 339 14.94 -3.06 -20.01
N PRO B 340 14.25 -2.07 -20.60
CA PRO B 340 14.78 -0.69 -20.66
C PRO B 340 15.17 -0.21 -19.28
N ALA B 341 16.32 0.46 -19.17
CA ALA B 341 16.93 0.75 -17.86
C ALA B 341 16.01 1.57 -16.91
N GLN B 342 15.33 2.57 -17.49
CA GLN B 342 14.28 3.37 -16.86
C GLN B 342 13.08 2.58 -16.30
N ASN B 343 12.81 1.42 -16.88
CA ASN B 343 11.74 0.54 -16.43
C ASN B 343 12.19 -0.48 -15.40
N TRP B 344 13.49 -0.55 -15.16
CA TRP B 344 14.09 -1.50 -14.23
C TRP B 344 14.47 -0.76 -12.95
N VAL B 345 15.28 -1.38 -12.11
CA VAL B 345 15.85 -0.70 -10.94
C VAL B 345 16.93 0.29 -11.39
N PRO B 346 17.00 1.47 -10.77
CA PRO B 346 18.07 2.43 -11.08
C PRO B 346 19.52 2.03 -10.66
N THR B 347 20.45 2.10 -11.63
CA THR B 347 21.87 1.66 -11.50
C THR B 347 22.63 2.49 -10.47
#